data_2EII
#
_entry.id   2EII
#
_cell.length_a   102.208
_cell.length_b   102.208
_cell.length_c   278.432
_cell.angle_alpha   90.00
_cell.angle_beta   90.00
_cell.angle_gamma   120.00
#
_symmetry.space_group_name_H-M   'H 3'
#
loop_
_entity.id
_entity.type
_entity.pdbx_description
1 polymer '1-pyrroline-5-carboxylate dehydrogenase'
2 non-polymer 'ACETATE ION'
3 non-polymer 'SODIUM ION'
4 non-polymer VALINE
5 non-polymer NICOTINAMIDE-ADENINE-DINUCLEOTIDE
6 non-polymer (4S)-2-METHYL-2,4-PENTANEDIOL
7 water water
#
_entity_poly.entity_id   1
_entity_poly.type   'polypeptide(L)'
_entity_poly.pdbx_seq_one_letter_code
;MTVEPFRNEPIETFQTEEARRAMREALRRVREEFGRHYPLYIGGEWVDTKERMVSLNPSAPSEVVGTTAKAGKAEAEAAL
EAAWKAFKTWKDWPQEDRSRLLLKAAALMRRRKRELEATLVYEVGKNWVEASADVAEAIDFIEYYARAALRYRYPAVEVV
PYPGEDNESFYVPLGAGVVIAPWNFPVAIFTGMIVGPVAVGNTVIAKPAEDAVVVGAKVFEIFHEAGFPPGVVNFLPGVG
EEVGAYLVEHPRIRFINFTGSLEVGLKIYEAAGRLAPGQTWFKRAYVETGGKDAIIVDETADFDLAAEGVVVSAYGFQGQ
KCSAASRLILTQGAYEPVLERVLKRAERLSVGPAEENPDLGPVVSAEQERKVLSYIEIGKNEGQLVLGGKRLEGEGYFIA
PTVFTEVPPKARIAQEEIFGPVLSVIRVKDFAEALEVANDTPYGLTGGVYSRKREHLEWARREFHVGNLYFNRKITGALV
GVQPFGGFKLSGTNAKTGALDYLRLFLEMKAVAERF
;
_entity_poly.pdbx_strand_id   A,B
#
# COMPACT_ATOMS: atom_id res chain seq x y z
N MET A 1 -2.77 5.64 -28.42
CA MET A 1 -1.33 5.38 -28.73
C MET A 1 -1.09 3.89 -29.09
N THR A 2 -0.56 3.60 -30.29
CA THR A 2 -0.19 2.22 -30.63
C THR A 2 1.29 2.09 -30.98
N VAL A 3 2.00 1.30 -30.18
CA VAL A 3 3.43 1.08 -30.39
C VAL A 3 3.67 -0.42 -30.46
N GLU A 4 4.87 -0.82 -30.86
CA GLU A 4 5.23 -2.24 -30.88
C GLU A 4 5.09 -2.84 -29.46
N PRO A 5 4.74 -4.14 -29.35
CA PRO A 5 4.74 -4.80 -28.04
C PRO A 5 6.09 -4.62 -27.35
N PHE A 6 6.06 -4.47 -26.04
CA PHE A 6 7.29 -4.34 -25.26
C PHE A 6 8.26 -5.49 -25.54
N ARG A 7 9.52 -5.15 -25.70
CA ARG A 7 10.63 -6.12 -25.71
C ARG A 7 11.71 -5.51 -24.83
N ASN A 8 12.48 -6.35 -24.14
CA ASN A 8 13.64 -5.88 -23.37
C ASN A 8 14.77 -5.40 -24.27
N GLU A 9 15.42 -4.31 -23.85
CA GLU A 9 16.58 -3.77 -24.53
C GLU A 9 17.72 -4.78 -24.43
N PRO A 10 18.29 -5.19 -25.57
CA PRO A 10 19.38 -6.18 -25.51
C PRO A 10 20.59 -5.65 -24.72
N ILE A 11 21.17 -6.51 -23.89
CA ILE A 11 22.35 -6.19 -23.10
C ILE A 11 23.59 -6.44 -23.96
N GLU A 12 24.41 -5.42 -24.12
CA GLU A 12 25.59 -5.54 -24.97
C GLU A 12 26.66 -6.40 -24.28
N THR A 13 27.23 -7.33 -25.04
CA THR A 13 28.31 -8.18 -24.54
C THR A 13 29.69 -7.76 -25.04
N PHE A 14 29.73 -6.89 -26.06
CA PHE A 14 30.99 -6.33 -26.58
C PHE A 14 31.88 -7.42 -27.19
N GLN A 15 31.23 -8.35 -27.88
CA GLN A 15 31.93 -9.42 -28.61
C GLN A 15 32.17 -9.10 -30.09
N THR A 16 31.58 -8.01 -30.57
CA THR A 16 31.84 -7.54 -31.94
C THR A 16 32.81 -6.36 -31.92
N GLU A 17 33.60 -6.23 -32.98
CA GLU A 17 34.57 -5.14 -33.09
C GLU A 17 33.83 -3.83 -33.10
N GLU A 18 32.65 -3.83 -33.71
CA GLU A 18 31.82 -2.63 -33.79
C GLU A 18 31.44 -2.13 -32.39
N ALA A 19 31.07 -3.06 -31.52
CA ALA A 19 30.65 -2.74 -30.13
C ALA A 19 31.83 -2.28 -29.30
N ARG A 20 32.97 -2.97 -29.43
CA ARG A 20 34.21 -2.55 -28.77
C ARG A 20 34.61 -1.14 -29.18
N ARG A 21 34.56 -0.87 -30.48
CA ARG A 21 34.92 0.45 -31.01
C ARG A 21 34.04 1.54 -30.43
N ALA A 22 32.72 1.29 -30.46
CA ALA A 22 31.78 2.25 -29.89
C ALA A 22 32.03 2.50 -28.41
N MET A 23 32.29 1.42 -27.66
CA MET A 23 32.52 1.54 -26.22
C MET A 23 33.85 2.25 -25.89
N ARG A 24 34.92 1.89 -26.60
CA ARG A 24 36.20 2.60 -26.45
C ARG A 24 36.04 4.09 -26.68
N GLU A 25 35.35 4.48 -27.75
CA GLU A 25 35.12 5.92 -27.99
C GLU A 25 34.30 6.58 -26.86
N ALA A 26 33.27 5.87 -26.39
CA ALA A 26 32.42 6.40 -25.32
C ALA A 26 33.21 6.61 -24.03
N LEU A 27 34.03 5.63 -23.67
CA LEU A 27 34.89 5.73 -22.49
C LEU A 27 35.90 6.87 -22.60
N ARG A 28 36.53 6.97 -23.77
CA ARG A 28 37.47 8.06 -24.03
C ARG A 28 36.81 9.43 -23.86
N ARG A 29 35.63 9.62 -24.41
CA ARG A 29 34.94 10.90 -24.28
C ARG A 29 34.48 11.22 -22.86
N VAL A 30 34.02 10.21 -22.14
CA VAL A 30 33.64 10.42 -20.75
C VAL A 30 34.88 10.76 -19.92
N ARG A 31 35.97 10.00 -20.12
CA ARG A 31 37.23 10.26 -19.41
C ARG A 31 37.74 11.68 -19.70
N GLU A 32 37.64 12.08 -20.96
CA GLU A 32 38.04 13.43 -21.39
C GLU A 32 37.21 14.54 -20.74
N GLU A 33 36.01 14.17 -20.27
CA GLU A 33 35.09 15.09 -19.62
C GLU A 33 35.18 15.10 -18.08
N PHE A 34 36.07 14.29 -17.49
CA PHE A 34 36.26 14.29 -16.03
C PHE A 34 36.39 15.73 -15.52
N GLY A 35 35.70 16.05 -14.43
CA GLY A 35 35.82 17.34 -13.79
C GLY A 35 34.66 18.27 -14.10
N ARG A 36 33.80 17.85 -15.01
CA ARG A 36 32.61 18.62 -15.36
C ARG A 36 31.71 18.87 -14.15
N HIS A 37 31.05 20.04 -14.12
CA HIS A 37 30.14 20.37 -13.02
C HIS A 37 28.70 20.35 -13.49
N TYR A 38 27.83 19.72 -12.71
CA TYR A 38 26.42 19.60 -13.06
C TYR A 38 25.58 20.26 -11.96
N PRO A 39 24.77 21.27 -12.31
CA PRO A 39 23.89 21.92 -11.33
C PRO A 39 22.69 21.05 -10.88
N LEU A 40 21.88 21.57 -9.95
CA LEU A 40 20.56 20.99 -9.66
C LEU A 40 19.65 21.22 -10.85
N TYR A 41 18.49 20.56 -10.87
CA TYR A 41 17.50 20.81 -11.90
C TYR A 41 16.19 20.98 -11.15
N ILE A 42 15.68 22.22 -11.18
CA ILE A 42 14.47 22.57 -10.43
C ILE A 42 13.60 23.41 -11.34
N GLY A 43 12.32 23.04 -11.43
CA GLY A 43 11.36 23.76 -12.25
C GLY A 43 11.84 24.06 -13.66
N GLY A 44 12.42 23.07 -14.32
CA GLY A 44 12.75 23.16 -15.74
C GLY A 44 14.06 23.89 -16.03
N GLU A 45 14.79 24.28 -14.99
CA GLU A 45 16.08 24.90 -15.19
C GLU A 45 17.22 24.35 -14.31
N TRP A 46 18.43 24.47 -14.84
CA TRP A 46 19.62 24.08 -14.10
C TRP A 46 19.97 25.19 -13.12
N VAL A 47 20.07 24.84 -11.85
CA VAL A 47 20.26 25.83 -10.77
C VAL A 47 21.50 25.45 -9.99
N ASP A 48 22.49 26.34 -9.93
CA ASP A 48 23.73 26.03 -9.23
C ASP A 48 23.67 26.46 -7.75
N THR A 49 24.59 25.94 -6.95
CA THR A 49 24.73 26.28 -5.53
C THR A 49 26.20 26.60 -5.25
N LYS A 50 26.46 27.19 -4.08
CA LYS A 50 27.83 27.45 -3.64
C LYS A 50 28.52 26.14 -3.24
N GLU A 51 27.85 25.34 -2.42
CA GLU A 51 28.37 24.02 -2.05
C GLU A 51 28.29 23.02 -3.20
N ARG A 52 29.09 21.95 -3.11
CA ARG A 52 29.09 20.94 -4.16
C ARG A 52 29.19 19.52 -3.60
N MET A 53 28.85 18.56 -4.45
CA MET A 53 29.02 17.14 -4.18
C MET A 53 30.14 16.70 -5.12
N VAL A 54 31.10 15.94 -4.60
CA VAL A 54 32.25 15.49 -5.42
C VAL A 54 32.09 13.99 -5.68
N SER A 55 32.28 13.59 -6.93
CA SER A 55 32.14 12.20 -7.30
C SER A 55 33.48 11.65 -7.77
N LEU A 56 34.02 10.67 -7.03
CA LEU A 56 35.34 10.09 -7.33
C LEU A 56 35.25 8.86 -8.21
N ASN A 57 36.33 8.59 -8.93
CA ASN A 57 36.52 7.32 -9.62
C ASN A 57 37.00 6.25 -8.63
N PRO A 58 36.14 5.25 -8.31
CA PRO A 58 36.57 4.23 -7.34
C PRO A 58 37.74 3.35 -7.79
N SER A 59 38.03 3.32 -9.10
CA SER A 59 39.20 2.61 -9.63
C SER A 59 40.50 3.39 -9.47
N ALA A 60 40.36 4.69 -9.18
CA ALA A 60 41.50 5.63 -9.02
C ALA A 60 40.95 6.89 -8.35
N PRO A 61 40.70 6.82 -7.03
CA PRO A 61 39.92 7.86 -6.34
C PRO A 61 40.61 9.21 -6.17
N SER A 62 41.86 9.33 -6.61
CA SER A 62 42.46 10.65 -6.80
C SER A 62 41.81 11.39 -7.98
N GLU A 63 41.07 10.67 -8.81
CA GLU A 63 40.43 11.26 -9.99
C GLU A 63 38.97 11.67 -9.72
N VAL A 64 38.65 12.90 -10.05
CA VAL A 64 37.30 13.43 -9.85
C VAL A 64 36.54 13.27 -11.16
N VAL A 65 35.53 12.39 -11.14
CA VAL A 65 34.72 12.14 -12.34
C VAL A 65 33.94 13.41 -12.66
N GLY A 66 33.40 14.03 -11.62
CA GLY A 66 32.62 15.25 -11.79
C GLY A 66 32.16 15.78 -10.44
N THR A 67 31.57 16.96 -10.46
CA THR A 67 30.94 17.50 -9.26
C THR A 67 29.54 17.91 -9.62
N THR A 68 28.69 18.01 -8.61
CA THR A 68 27.37 18.58 -8.80
C THR A 68 27.13 19.66 -7.75
N ALA A 69 26.10 20.46 -7.97
CA ALA A 69 25.56 21.32 -6.93
C ALA A 69 25.06 20.44 -5.77
N LYS A 70 24.76 21.08 -4.65
CA LYS A 70 24.33 20.38 -3.45
C LYS A 70 23.06 21.01 -2.90
N ALA A 71 22.01 20.22 -2.80
CA ALA A 71 20.70 20.71 -2.32
C ALA A 71 20.63 20.67 -0.81
N GLY A 72 20.25 21.80 -0.22
CA GLY A 72 19.90 21.88 1.19
C GLY A 72 18.41 22.16 1.30
N LYS A 73 17.99 22.66 2.46
CA LYS A 73 16.56 22.87 2.71
C LYS A 73 15.92 23.89 1.77
N ALA A 74 16.65 24.95 1.42
CA ALA A 74 16.09 25.99 0.55
C ALA A 74 15.80 25.43 -0.84
N GLU A 75 16.71 24.60 -1.34
CA GLU A 75 16.54 23.99 -2.65
C GLU A 75 15.44 22.94 -2.64
N ALA A 76 15.34 22.20 -1.53
CA ALA A 76 14.22 21.28 -1.29
C ALA A 76 12.89 22.02 -1.33
N GLU A 77 12.82 23.17 -0.65
CA GLU A 77 11.61 24.02 -0.67
C GLU A 77 11.28 24.53 -2.08
N ALA A 78 12.29 24.95 -2.83
CA ALA A 78 12.07 25.41 -4.20
C ALA A 78 11.55 24.27 -5.09
N ALA A 79 12.11 23.07 -4.89
CA ALA A 79 11.70 21.90 -5.66
C ALA A 79 10.27 21.49 -5.33
N LEU A 80 9.92 21.55 -4.05
CA LEU A 80 8.54 21.29 -3.62
C LEU A 80 7.53 22.22 -4.26
N GLU A 81 7.84 23.51 -4.24
CA GLU A 81 6.97 24.50 -4.88
C GLU A 81 6.82 24.23 -6.37
N ALA A 82 7.95 23.96 -7.05
CA ALA A 82 7.92 23.64 -8.48
C ALA A 82 7.11 22.37 -8.78
N ALA A 83 7.30 21.34 -7.95
CA ALA A 83 6.66 20.05 -8.18
C ALA A 83 5.14 20.11 -7.97
N TRP A 84 4.71 20.83 -6.93
CA TRP A 84 3.27 20.94 -6.66
C TRP A 84 2.59 21.81 -7.70
N LYS A 85 3.26 22.89 -8.10
CA LYS A 85 2.74 23.75 -9.15
C LYS A 85 2.58 22.93 -10.46
N ALA A 86 3.58 22.12 -10.78
CA ALA A 86 3.54 21.31 -12.01
C ALA A 86 2.44 20.25 -11.90
N PHE A 87 2.27 19.70 -10.70
CA PHE A 87 1.31 18.60 -10.53
C PHE A 87 -0.08 19.07 -10.97
N LYS A 88 -0.42 20.30 -10.63
CA LYS A 88 -1.73 20.86 -10.94
C LYS A 88 -2.15 20.69 -12.40
N THR A 89 -1.20 20.82 -13.32
CA THR A 89 -1.49 20.66 -14.75
C THR A 89 -1.04 19.32 -15.33
N TRP A 90 0.09 18.81 -14.87
CA TRP A 90 0.61 17.51 -15.32
C TRP A 90 -0.39 16.37 -15.07
N LYS A 91 -1.10 16.45 -13.95
CA LYS A 91 -2.10 15.43 -13.63
C LYS A 91 -3.23 15.38 -14.66
N ASP A 92 -3.44 16.48 -15.40
CA ASP A 92 -4.55 16.63 -16.35
C ASP A 92 -4.15 16.28 -17.79
N TRP A 93 -2.86 16.05 -18.03
CA TRP A 93 -2.43 15.59 -19.35
C TRP A 93 -3.14 14.28 -19.65
N PRO A 94 -3.64 14.10 -20.90
CA PRO A 94 -4.11 12.75 -21.25
C PRO A 94 -2.99 11.75 -21.03
N GLN A 95 -3.35 10.54 -20.60
CA GLN A 95 -2.31 9.51 -20.40
C GLN A 95 -1.48 9.25 -21.66
N GLU A 96 -2.12 9.23 -22.82
CA GLU A 96 -1.38 9.03 -24.06
C GLU A 96 -0.25 10.05 -24.26
N ASP A 97 -0.52 11.31 -23.89
CA ASP A 97 0.48 12.41 -23.97
C ASP A 97 1.65 12.16 -23.03
N ARG A 98 1.36 11.78 -21.78
CA ARG A 98 2.40 11.44 -20.79
C ARG A 98 3.21 10.22 -21.26
N SER A 99 2.52 9.21 -21.76
CA SER A 99 3.22 8.00 -22.23
C SER A 99 4.14 8.31 -23.43
N ARG A 100 3.68 9.15 -24.36
CA ARG A 100 4.54 9.55 -25.49
C ARG A 100 5.80 10.27 -25.00
N LEU A 101 5.66 11.10 -23.97
CA LEU A 101 6.83 11.79 -23.38
C LEU A 101 7.85 10.78 -22.83
N LEU A 102 7.38 9.76 -22.12
CA LEU A 102 8.27 8.68 -21.67
C LEU A 102 8.96 8.00 -22.85
N LEU A 103 8.20 7.68 -23.91
CA LEU A 103 8.77 7.02 -25.08
C LEU A 103 9.86 7.86 -25.75
N LYS A 104 9.64 9.17 -25.77
CA LYS A 104 10.68 10.10 -26.27
C LYS A 104 11.94 10.00 -25.36
N ALA A 105 11.75 10.07 -24.05
CA ALA A 105 12.87 9.94 -23.12
C ALA A 105 13.62 8.62 -23.32
N ALA A 106 12.86 7.53 -23.54
CA ALA A 106 13.47 6.22 -23.84
C ALA A 106 14.34 6.29 -25.11
N ALA A 107 13.82 6.90 -26.18
CA ALA A 107 14.56 7.02 -27.45
C ALA A 107 15.87 7.80 -27.26
N LEU A 108 15.80 8.90 -26.51
CA LEU A 108 16.99 9.72 -26.20
C LEU A 108 18.02 8.95 -25.36
N MET A 109 17.53 8.19 -24.38
CA MET A 109 18.45 7.40 -23.55
C MET A 109 19.14 6.31 -24.37
N ARG A 110 18.38 5.65 -25.25
CA ARG A 110 18.93 4.60 -26.11
C ARG A 110 20.03 5.18 -27.01
N ARG A 111 19.81 6.40 -27.49
CA ARG A 111 20.82 7.05 -28.35
C ARG A 111 22.09 7.46 -27.58
N ARG A 112 21.98 7.58 -26.27
CA ARG A 112 23.13 7.94 -25.44
C ARG A 112 23.61 6.76 -24.62
N LYS A 113 23.23 5.54 -25.00
CA LYS A 113 23.52 4.44 -24.10
C LYS A 113 25.01 4.16 -23.85
N ARG A 114 25.86 4.22 -24.89
CA ARG A 114 27.29 3.99 -24.66
C ARG A 114 27.90 5.01 -23.69
N GLU A 115 27.55 6.28 -23.86
CA GLU A 115 27.98 7.33 -22.94
C GLU A 115 27.54 7.06 -21.50
N LEU A 116 26.28 6.65 -21.33
CA LEU A 116 25.79 6.37 -19.98
C LEU A 116 26.49 5.16 -19.38
N GLU A 117 26.73 4.13 -20.18
CA GLU A 117 27.46 2.96 -19.72
C GLU A 117 28.88 3.35 -19.28
N ALA A 118 29.55 4.14 -20.12
CA ALA A 118 30.92 4.61 -19.82
C ALA A 118 30.95 5.44 -18.54
N THR A 119 29.92 6.23 -18.31
CA THR A 119 29.80 6.99 -17.06
C THR A 119 29.68 6.08 -15.83
N LEU A 120 28.91 5.00 -15.94
CA LEU A 120 28.84 4.01 -14.86
C LEU A 120 30.17 3.30 -14.61
N VAL A 121 30.87 2.97 -15.68
CA VAL A 121 32.21 2.41 -15.58
C VAL A 121 33.10 3.27 -14.68
N TYR A 122 33.22 4.54 -15.03
CA TYR A 122 34.07 5.45 -14.27
C TYR A 122 33.53 5.87 -12.92
N GLU A 123 32.21 6.09 -12.83
CA GLU A 123 31.68 6.67 -11.61
C GLU A 123 31.41 5.64 -10.52
N VAL A 124 30.93 4.45 -10.88
CA VAL A 124 30.63 3.45 -9.83
C VAL A 124 31.39 2.12 -9.99
N GLY A 125 32.33 2.09 -10.94
CA GLY A 125 33.25 0.96 -11.08
C GLY A 125 32.61 -0.32 -11.62
N LYS A 126 31.59 -0.17 -12.47
CA LYS A 126 31.03 -1.31 -13.22
C LYS A 126 31.92 -1.71 -14.39
N ASN A 127 32.10 -3.01 -14.59
CA ASN A 127 32.71 -3.46 -15.84
C ASN A 127 31.72 -3.22 -16.99
N TRP A 128 32.11 -3.52 -18.21
CA TRP A 128 31.35 -3.04 -19.37
C TRP A 128 29.98 -3.68 -19.44
N VAL A 129 29.91 -4.99 -19.21
CA VAL A 129 28.61 -5.69 -19.28
C VAL A 129 27.67 -5.33 -18.14
N GLU A 130 28.21 -5.15 -16.93
CA GLU A 130 27.36 -4.68 -15.82
C GLU A 130 26.80 -3.28 -16.12
N ALA A 131 27.64 -2.40 -16.67
CA ALA A 131 27.20 -1.06 -17.08
C ALA A 131 26.10 -1.17 -18.16
N SER A 132 26.32 -2.04 -19.14
CA SER A 132 25.32 -2.20 -20.20
C SER A 132 23.97 -2.70 -19.65
N ALA A 133 24.01 -3.66 -18.73
CA ALA A 133 22.76 -4.20 -18.17
C ALA A 133 21.97 -3.12 -17.42
N ASP A 134 22.70 -2.24 -16.72
CA ASP A 134 22.12 -1.16 -15.90
C ASP A 134 21.37 -0.18 -16.83
N VAL A 135 22.06 0.29 -17.85
CA VAL A 135 21.45 1.22 -18.78
C VAL A 135 20.25 0.57 -19.53
N ALA A 136 20.41 -0.68 -19.97
CA ALA A 136 19.34 -1.35 -20.71
C ALA A 136 18.09 -1.48 -19.79
N GLU A 137 18.30 -1.76 -18.51
CA GLU A 137 17.21 -1.86 -17.56
C GLU A 137 16.49 -0.52 -17.37
N ALA A 138 17.24 0.59 -17.32
CA ALA A 138 16.63 1.93 -17.28
C ALA A 138 15.73 2.15 -18.49
N ILE A 139 16.23 1.81 -19.68
CA ILE A 139 15.43 1.97 -20.92
C ILE A 139 14.17 1.12 -20.82
N ASP A 140 14.32 -0.10 -20.33
CA ASP A 140 13.19 -1.04 -20.14
C ASP A 140 12.15 -0.45 -19.20
N PHE A 141 12.58 0.17 -18.09
CA PHE A 141 11.58 0.78 -17.19
C PHE A 141 10.76 1.84 -17.90
N ILE A 142 11.41 2.67 -18.70
CA ILE A 142 10.69 3.75 -19.39
C ILE A 142 9.69 3.17 -20.39
N GLU A 143 10.17 2.22 -21.21
CA GLU A 143 9.34 1.60 -22.25
C GLU A 143 8.16 0.86 -21.61
N TYR A 144 8.47 0.13 -20.53
CA TYR A 144 7.46 -0.69 -19.88
C TYR A 144 6.41 0.18 -19.18
N TYR A 145 6.85 1.14 -18.37
CA TYR A 145 5.89 1.98 -17.66
C TYR A 145 5.07 2.86 -18.59
N ALA A 146 5.67 3.32 -19.69
CA ALA A 146 4.91 4.09 -20.67
C ALA A 146 3.66 3.32 -21.14
N ARG A 147 3.84 2.03 -21.39
CA ARG A 147 2.78 1.15 -21.87
C ARG A 147 1.83 0.76 -20.74
N ALA A 148 2.41 0.41 -19.59
CA ALA A 148 1.62 -0.05 -18.44
C ALA A 148 0.66 1.02 -17.98
N ALA A 149 1.12 2.28 -18.01
CA ALA A 149 0.28 3.41 -17.58
C ALA A 149 -1.03 3.52 -18.37
N LEU A 150 -1.01 3.10 -19.64
CA LEU A 150 -2.23 3.15 -20.44
C LEU A 150 -3.32 2.22 -19.91
N ARG A 151 -2.91 1.18 -19.17
CA ARG A 151 -3.86 0.19 -18.63
C ARG A 151 -4.66 0.80 -17.48
N TYR A 152 -4.20 1.93 -16.96
CA TYR A 152 -4.91 2.62 -15.87
C TYR A 152 -5.75 3.83 -16.32
N ARG A 153 -5.82 4.08 -17.63
CA ARG A 153 -6.39 5.34 -18.13
C ARG A 153 -7.91 5.48 -17.94
N TYR A 154 -8.36 6.72 -17.84
CA TYR A 154 -9.76 7.09 -17.55
C TYR A 154 -10.80 6.43 -18.47
N PRO A 155 -11.89 5.86 -17.90
CA PRO A 155 -12.06 5.44 -16.50
C PRO A 155 -11.81 3.93 -16.39
N ALA A 156 -10.79 3.50 -15.64
CA ALA A 156 -10.28 2.12 -15.79
C ALA A 156 -10.93 1.04 -14.90
N VAL A 157 -11.75 1.45 -13.93
CA VAL A 157 -12.15 0.51 -12.89
C VAL A 157 -13.41 -0.22 -13.29
N GLU A 158 -13.41 -1.53 -13.10
CA GLU A 158 -14.56 -2.38 -13.37
C GLU A 158 -15.54 -2.30 -12.19
N VAL A 159 -16.73 -1.79 -12.44
CA VAL A 159 -17.72 -1.66 -11.37
C VAL A 159 -19.05 -2.29 -11.78
N VAL A 160 -19.88 -2.54 -10.78
CA VAL A 160 -21.20 -3.14 -10.97
C VAL A 160 -22.18 -2.01 -11.27
N PRO A 161 -22.95 -2.15 -12.36
CA PRO A 161 -23.93 -1.13 -12.71
C PRO A 161 -25.12 -1.07 -11.75
N TYR A 162 -25.81 0.07 -11.74
CA TYR A 162 -26.99 0.27 -10.88
C TYR A 162 -28.04 0.99 -11.72
N PRO A 163 -29.32 0.59 -11.59
CA PRO A 163 -30.39 1.21 -12.39
C PRO A 163 -30.50 2.70 -12.19
N GLY A 164 -30.65 3.44 -13.30
CA GLY A 164 -30.94 4.89 -13.26
C GLY A 164 -29.74 5.76 -12.93
N GLU A 165 -28.56 5.15 -12.94
CA GLU A 165 -27.31 5.84 -12.57
C GLU A 165 -26.18 5.48 -13.48
N ASP A 166 -25.26 6.43 -13.63
CA ASP A 166 -23.94 6.16 -14.14
C ASP A 166 -23.02 6.05 -12.93
N ASN A 167 -22.26 4.96 -12.87
CA ASN A 167 -21.25 4.84 -11.82
C ASN A 167 -19.90 4.72 -12.45
N GLU A 168 -19.00 5.66 -12.13
CA GLU A 168 -17.71 5.73 -12.82
C GLU A 168 -16.56 5.83 -11.84
N SER A 169 -15.71 4.81 -11.80
CA SER A 169 -14.55 4.87 -10.93
C SER A 169 -13.29 4.99 -11.77
N PHE A 170 -12.35 5.80 -11.29
CA PHE A 170 -11.17 6.08 -12.09
C PHE A 170 -10.00 6.42 -11.19
N TYR A 171 -8.80 6.29 -11.72
CA TYR A 171 -7.61 6.55 -10.95
C TYR A 171 -7.13 7.97 -11.16
N VAL A 172 -6.57 8.55 -10.10
CA VAL A 172 -5.88 9.85 -10.18
C VAL A 172 -4.52 9.75 -9.49
N PRO A 173 -3.53 10.51 -9.98
CA PRO A 173 -2.22 10.50 -9.31
C PRO A 173 -2.29 11.19 -7.93
N LEU A 174 -1.28 10.93 -7.10
CA LEU A 174 -1.28 11.38 -5.70
C LEU A 174 -0.82 12.83 -5.53
N GLY A 175 0.25 13.19 -6.23
CA GLY A 175 0.84 14.52 -5.97
C GLY A 175 2.32 14.55 -6.21
N ALA A 176 3.03 15.39 -5.45
CA ALA A 176 4.48 15.51 -5.52
C ALA A 176 5.10 14.61 -4.45
N GLY A 177 6.05 13.78 -4.86
CA GLY A 177 6.71 12.87 -3.93
C GLY A 177 8.22 12.94 -4.09
N VAL A 178 8.93 12.27 -3.21
CA VAL A 178 10.39 12.25 -3.27
C VAL A 178 10.84 10.82 -3.65
N VAL A 179 11.84 10.76 -4.50
CA VAL A 179 12.49 9.51 -4.87
C VAL A 179 13.91 9.57 -4.31
N ILE A 180 14.30 8.53 -3.58
CA ILE A 180 15.60 8.47 -2.93
C ILE A 180 16.25 7.17 -3.35
N ALA A 181 17.38 7.31 -4.06
CA ALA A 181 17.92 6.22 -4.86
C ALA A 181 19.29 5.74 -4.41
N PRO A 182 19.65 4.49 -4.73
CA PRO A 182 20.95 3.93 -4.35
C PRO A 182 22.03 4.17 -5.39
N TRP A 183 23.29 3.96 -5.00
CA TRP A 183 24.44 4.10 -5.92
C TRP A 183 24.69 2.87 -6.81
N ASN A 184 24.10 1.72 -6.47
CA ASN A 184 24.51 0.48 -7.16
C ASN A 184 23.88 0.24 -8.54
N PHE A 185 22.67 0.76 -8.75
CA PHE A 185 22.02 0.82 -10.07
C PHE A 185 21.54 2.24 -10.30
N PRO A 186 22.49 3.17 -10.47
CA PRO A 186 22.14 4.59 -10.41
C PRO A 186 21.60 5.15 -11.73
N VAL A 187 21.50 4.31 -12.76
CA VAL A 187 20.73 4.67 -13.96
C VAL A 187 19.41 3.90 -13.92
N ALA A 188 19.47 2.57 -13.79
CA ALA A 188 18.25 1.74 -13.83
C ALA A 188 17.26 2.08 -12.71
N ILE A 189 17.69 1.97 -11.46
CA ILE A 189 16.72 2.15 -10.36
C ILE A 189 16.30 3.60 -10.17
N PHE A 190 17.25 4.50 -10.34
CA PHE A 190 17.00 5.93 -10.34
C PHE A 190 15.92 6.27 -11.37
N THR A 191 16.08 5.80 -12.61
CA THR A 191 15.11 6.08 -13.70
C THR A 191 13.74 5.45 -13.40
N GLY A 192 13.75 4.18 -13.00
CA GLY A 192 12.50 3.46 -12.79
C GLY A 192 11.65 4.09 -11.70
N MET A 193 12.28 4.42 -10.58
CA MET A 193 11.54 4.99 -9.45
C MET A 193 10.99 6.39 -9.76
N ILE A 194 11.63 7.08 -10.68
CA ILE A 194 11.16 8.40 -11.11
C ILE A 194 10.02 8.26 -12.14
N VAL A 195 10.27 7.51 -13.20
CA VAL A 195 9.36 7.54 -14.36
C VAL A 195 8.04 6.80 -14.10
N GLY A 196 8.05 5.79 -13.23
CA GLY A 196 6.77 5.10 -12.91
C GLY A 196 5.72 6.07 -12.35
N PRO A 197 6.04 6.72 -11.20
CA PRO A 197 5.13 7.72 -10.65
C PRO A 197 4.78 8.83 -11.63
N VAL A 198 5.79 9.34 -12.32
CA VAL A 198 5.59 10.46 -13.25
C VAL A 198 4.66 10.07 -14.41
N ALA A 199 4.81 8.83 -14.89
CA ALA A 199 4.01 8.35 -16.05
C ALA A 199 2.51 8.55 -15.82
N VAL A 200 2.05 8.26 -14.60
CA VAL A 200 0.61 8.30 -14.29
C VAL A 200 0.15 9.63 -13.69
N GLY A 201 1.04 10.61 -13.69
CA GLY A 201 0.64 12.00 -13.40
C GLY A 201 1.14 12.60 -12.10
N ASN A 202 2.00 11.87 -11.40
CA ASN A 202 2.66 12.44 -10.23
C ASN A 202 3.84 13.31 -10.67
N THR A 203 4.33 14.12 -9.76
CA THR A 203 5.59 14.85 -9.97
C THR A 203 6.59 14.38 -8.93
N VAL A 204 7.88 14.52 -9.23
CA VAL A 204 8.92 13.88 -8.45
C VAL A 204 10.10 14.83 -8.16
N ILE A 205 10.59 14.75 -6.94
CA ILE A 205 11.87 15.32 -6.53
C ILE A 205 12.80 14.14 -6.29
N ALA A 206 13.86 14.08 -7.10
CA ALA A 206 14.76 12.91 -7.12
C ALA A 206 16.07 13.24 -6.43
N LYS A 207 16.44 12.37 -5.51
CA LYS A 207 17.63 12.54 -4.70
C LYS A 207 18.56 11.35 -5.02
N PRO A 208 19.54 11.56 -5.92
CA PRO A 208 20.49 10.49 -6.26
C PRO A 208 21.42 10.20 -5.10
N ALA A 209 21.98 8.99 -5.08
CA ALA A 209 22.97 8.63 -4.09
C ALA A 209 24.23 9.47 -4.30
N GLU A 210 24.87 9.83 -3.20
CA GLU A 210 26.10 10.65 -3.22
C GLU A 210 27.19 10.13 -4.17
N ASP A 211 27.37 8.82 -4.22
CA ASP A 211 28.43 8.22 -5.07
C ASP A 211 28.08 8.17 -6.55
N ALA A 212 26.85 8.54 -6.91
CA ALA A 212 26.37 8.42 -8.29
C ALA A 212 25.68 9.67 -8.83
N VAL A 213 26.13 10.84 -8.36
CA VAL A 213 25.45 12.08 -8.70
C VAL A 213 25.64 12.48 -10.16
N VAL A 214 26.80 12.16 -10.75
CA VAL A 214 27.08 12.57 -12.14
C VAL A 214 26.17 11.82 -13.11
N VAL A 215 26.10 10.51 -12.98
CA VAL A 215 25.23 9.78 -13.88
C VAL A 215 23.76 10.16 -13.67
N GLY A 216 23.37 10.47 -12.43
CA GLY A 216 22.02 11.00 -12.15
C GLY A 216 21.76 12.29 -12.92
N ALA A 217 22.76 13.16 -12.97
CA ALA A 217 22.62 14.39 -13.77
C ALA A 217 22.44 14.12 -15.25
N LYS A 218 23.16 13.12 -15.79
CA LYS A 218 23.03 12.80 -17.22
C LYS A 218 21.64 12.27 -17.55
N VAL A 219 21.04 11.54 -16.61
CA VAL A 219 19.65 11.13 -16.76
C VAL A 219 18.73 12.36 -16.85
N PHE A 220 19.01 13.36 -16.01
CA PHE A 220 18.26 14.59 -16.07
C PHE A 220 18.46 15.41 -17.33
N GLU A 221 19.65 15.34 -17.92
CA GLU A 221 19.85 15.93 -19.24
C GLU A 221 18.87 15.35 -20.25
N ILE A 222 18.68 14.04 -20.18
CA ILE A 222 17.74 13.34 -21.04
C ILE A 222 16.30 13.77 -20.78
N PHE A 223 15.92 13.88 -19.49
CA PHE A 223 14.57 14.33 -19.14
C PHE A 223 14.33 15.74 -19.68
N HIS A 224 15.33 16.61 -19.52
CA HIS A 224 15.18 18.00 -19.98
C HIS A 224 15.02 18.06 -21.50
N GLU A 225 15.87 17.31 -22.22
CA GLU A 225 15.80 17.23 -23.69
C GLU A 225 14.47 16.66 -24.18
N ALA A 226 13.96 15.66 -23.48
CA ALA A 226 12.68 15.05 -23.81
C ALA A 226 11.53 16.07 -23.71
N GLY A 227 11.70 17.04 -22.82
CA GLY A 227 10.71 18.09 -22.62
C GLY A 227 9.65 17.88 -21.55
N PHE A 228 9.97 17.18 -20.46
CA PHE A 228 9.04 17.17 -19.32
C PHE A 228 8.79 18.62 -18.91
N PRO A 229 7.52 18.99 -18.65
CA PRO A 229 7.22 20.36 -18.24
C PRO A 229 7.97 20.74 -16.96
N PRO A 230 8.25 22.04 -16.79
CA PRO A 230 9.00 22.50 -15.62
C PRO A 230 8.31 22.02 -14.35
N GLY A 231 9.10 21.49 -13.41
CA GLY A 231 8.59 21.03 -12.12
C GLY A 231 8.19 19.57 -12.07
N VAL A 232 7.99 18.93 -13.22
CA VAL A 232 7.51 17.52 -13.24
C VAL A 232 8.57 16.56 -12.68
N VAL A 233 9.83 16.77 -13.08
CA VAL A 233 10.95 16.05 -12.48
C VAL A 233 12.01 17.04 -12.00
N ASN A 234 12.51 16.84 -10.78
CA ASN A 234 13.51 17.72 -10.19
C ASN A 234 14.67 16.91 -9.63
N PHE A 235 15.89 17.45 -9.76
CA PHE A 235 17.13 16.73 -9.47
C PHE A 235 17.85 17.40 -8.31
N LEU A 236 17.87 16.73 -7.16
CA LEU A 236 18.47 17.28 -5.94
C LEU A 236 19.57 16.39 -5.34
N PRO A 237 20.75 16.34 -6.00
CA PRO A 237 21.89 15.68 -5.39
C PRO A 237 22.19 16.36 -4.06
N GLY A 238 22.57 15.57 -3.07
CA GLY A 238 22.76 16.08 -1.71
C GLY A 238 22.93 14.94 -0.74
N VAL A 239 23.07 15.27 0.54
CA VAL A 239 23.32 14.29 1.60
C VAL A 239 22.02 13.64 2.05
N GLY A 240 21.98 12.31 2.04
CA GLY A 240 20.75 11.59 2.36
C GLY A 240 20.16 11.96 3.70
N GLU A 241 21.01 11.96 4.73
CA GLU A 241 20.56 12.27 6.09
C GLU A 241 20.19 13.72 6.29
N GLU A 242 20.47 14.55 5.29
CA GLU A 242 20.14 15.96 5.37
C GLU A 242 18.93 16.25 4.50
N VAL A 243 19.15 16.53 3.22
CA VAL A 243 18.03 16.83 2.30
C VAL A 243 17.05 15.66 2.09
N GLY A 244 17.57 14.44 2.06
CA GLY A 244 16.72 13.24 1.94
C GLY A 244 15.74 13.15 3.12
N ALA A 245 16.27 13.16 4.34
CA ALA A 245 15.43 13.10 5.55
C ALA A 245 14.48 14.29 5.62
N TYR A 246 14.96 15.46 5.27
CA TYR A 246 14.11 16.66 5.25
C TYR A 246 12.84 16.45 4.41
N LEU A 247 13.01 15.92 3.20
CA LEU A 247 11.86 15.62 2.33
C LEU A 247 10.98 14.48 2.87
N VAL A 248 11.59 13.40 3.32
CA VAL A 248 10.83 12.30 3.93
C VAL A 248 9.88 12.80 5.04
N GLU A 249 10.41 13.65 5.92
CA GLU A 249 9.69 14.15 7.08
C GLU A 249 8.74 15.31 6.80
N HIS A 250 8.77 15.85 5.58
CA HIS A 250 8.04 17.08 5.24
C HIS A 250 6.52 16.88 5.18
N PRO A 251 5.72 17.81 5.75
CA PRO A 251 4.26 17.64 5.72
C PRO A 251 3.69 17.71 4.31
N ARG A 252 4.44 18.26 3.36
CA ARG A 252 3.95 18.44 1.99
C ARG A 252 4.49 17.43 0.98
N ILE A 253 5.17 16.40 1.45
CA ILE A 253 5.59 15.31 0.56
C ILE A 253 4.51 14.23 0.60
N ARG A 254 4.00 13.84 -0.58
CA ARG A 254 2.83 12.96 -0.62
C ARG A 254 3.22 11.48 -0.52
N PHE A 255 4.36 11.14 -1.09
CA PHE A 255 4.83 9.77 -1.16
C PHE A 255 6.33 9.75 -1.22
N ILE A 256 6.89 8.61 -0.82
CA ILE A 256 8.33 8.42 -0.82
C ILE A 256 8.59 7.10 -1.53
N ASN A 257 9.47 7.14 -2.52
CA ASN A 257 9.88 5.97 -3.26
C ASN A 257 11.35 5.80 -2.96
N PHE A 258 11.66 4.75 -2.19
CA PHE A 258 13.02 4.54 -1.68
C PHE A 258 13.55 3.19 -2.06
N THR A 259 14.79 3.17 -2.53
CA THR A 259 15.53 1.92 -2.63
C THR A 259 16.92 2.12 -2.00
N GLY A 260 17.31 1.20 -1.13
CA GLY A 260 18.57 1.37 -0.40
C GLY A 260 18.69 0.40 0.77
N SER A 261 19.50 0.75 1.76
CA SER A 261 19.80 -0.15 2.86
C SER A 261 18.59 -0.32 3.77
N LEU A 262 18.49 -1.48 4.40
CA LEU A 262 17.50 -1.71 5.46
C LEU A 262 17.57 -0.63 6.56
N GLU A 263 18.77 -0.29 7.01
CA GLU A 263 18.92 0.69 8.09
C GLU A 263 18.17 1.99 7.78
N VAL A 264 18.41 2.52 6.59
CA VAL A 264 17.74 3.73 6.14
C VAL A 264 16.25 3.50 5.84
N GLY A 265 15.93 2.39 5.18
CA GLY A 265 14.51 2.06 4.88
C GLY A 265 13.65 2.01 6.13
N LEU A 266 14.20 1.44 7.20
CA LEU A 266 13.47 1.44 8.48
C LEU A 266 13.14 2.84 9.02
N LYS A 267 14.12 3.73 9.02
CA LYS A 267 13.89 5.13 9.42
C LYS A 267 12.84 5.82 8.56
N ILE A 268 12.90 5.59 7.26
CA ILE A 268 11.98 6.23 6.31
C ILE A 268 10.54 5.73 6.50
N TYR A 269 10.39 4.42 6.67
CA TYR A 269 9.06 3.85 6.87
C TYR A 269 8.45 4.33 8.18
N GLU A 270 9.28 4.45 9.21
CA GLU A 270 8.81 4.96 10.50
C GLU A 270 8.37 6.41 10.37
N ALA A 271 9.24 7.24 9.79
CA ALA A 271 8.94 8.66 9.56
C ALA A 271 7.68 8.86 8.71
N ALA A 272 7.51 8.02 7.69
CA ALA A 272 6.32 8.12 6.82
C ALA A 272 5.01 7.86 7.56
N GLY A 273 5.07 7.08 8.65
CA GLY A 273 3.86 6.77 9.42
C GLY A 273 3.41 7.91 10.33
N ARG A 274 4.26 8.92 10.47
CA ARG A 274 3.96 10.06 11.36
C ARG A 274 3.25 11.17 10.64
N LEU A 275 2.34 11.85 11.32
CA LEU A 275 1.70 13.03 10.74
C LEU A 275 2.55 14.24 11.11
N ALA A 276 3.29 14.77 10.14
CA ALA A 276 4.07 16.00 10.34
C ALA A 276 3.11 17.17 10.61
N PRO A 277 3.54 18.17 11.40
CA PRO A 277 2.65 19.30 11.66
C PRO A 277 2.07 19.90 10.37
N GLY A 278 0.75 19.94 10.28
CA GLY A 278 0.06 20.53 9.15
C GLY A 278 -0.18 19.58 8.00
N GLN A 279 0.32 18.34 8.11
CA GLN A 279 0.16 17.35 7.04
C GLN A 279 -1.31 16.97 6.94
N THR A 280 -1.82 16.77 5.72
CA THR A 280 -3.24 16.51 5.48
C THR A 280 -3.51 15.21 4.72
N TRP A 281 -2.60 14.24 4.85
CA TRP A 281 -2.79 12.91 4.27
C TRP A 281 -1.96 11.87 5.00
N PHE A 282 -2.23 10.61 4.70
CA PHE A 282 -1.42 9.52 5.19
C PHE A 282 -0.39 9.27 4.10
N LYS A 283 0.89 9.48 4.43
CA LYS A 283 1.97 9.27 3.45
C LYS A 283 2.05 7.83 3.02
N ARG A 284 2.26 7.62 1.72
CA ARG A 284 2.67 6.32 1.20
C ARG A 284 4.20 6.26 1.12
N ALA A 285 4.77 5.18 1.62
CA ALA A 285 6.21 4.95 1.54
C ALA A 285 6.46 3.56 0.98
N TYR A 286 7.22 3.51 -0.10
CA TYR A 286 7.65 2.24 -0.67
C TYR A 286 9.14 2.16 -0.41
N VAL A 287 9.54 1.08 0.28
CA VAL A 287 10.95 0.93 0.65
C VAL A 287 11.40 -0.44 0.18
N GLU A 288 12.40 -0.46 -0.68
CA GLU A 288 12.91 -1.73 -1.16
C GLU A 288 14.34 -1.78 -0.63
N THR A 289 14.57 -2.76 0.23
N THR A 289 14.64 -2.81 0.16
CA THR A 289 15.72 -2.75 1.11
CA THR A 289 15.74 -2.72 1.16
C THR A 289 16.60 -3.93 0.70
C THR A 289 16.80 -3.85 1.26
N GLY A 290 17.48 -4.38 1.57
N GLY A 290 17.22 -4.43 0.14
CA GLY A 290 18.49 -5.35 1.14
CA GLY A 290 18.33 -5.39 0.17
C GLY A 290 18.01 -6.79 1.07
C GLY A 290 17.97 -6.83 0.50
N GLY A 291 18.96 -7.66 0.83
CA GLY A 291 18.73 -9.10 0.98
C GLY A 291 19.92 -9.82 1.54
N LYS A 292 19.72 -11.07 1.95
CA LYS A 292 20.84 -11.97 2.22
C LYS A 292 20.54 -13.23 1.41
N ASP A 293 20.82 -13.17 0.11
CA ASP A 293 20.23 -14.10 -0.84
C ASP A 293 21.07 -15.38 -0.98
N ALA A 294 20.38 -16.51 -1.01
CA ALA A 294 21.02 -17.81 -1.06
C ALA A 294 20.72 -18.53 -2.35
N ILE A 295 21.71 -19.28 -2.81
CA ILE A 295 21.51 -20.32 -3.80
C ILE A 295 21.68 -21.65 -3.09
N ILE A 296 20.68 -22.52 -3.25
CA ILE A 296 20.76 -23.91 -2.79
C ILE A 296 21.19 -24.78 -3.95
N VAL A 297 22.09 -25.74 -3.69
CA VAL A 297 22.43 -26.74 -4.69
C VAL A 297 22.28 -28.11 -4.03
N ASP A 298 21.54 -29.01 -4.67
CA ASP A 298 21.45 -30.37 -4.15
C ASP A 298 22.27 -31.35 -5.00
N GLU A 299 22.31 -32.62 -4.59
CA GLU A 299 23.21 -33.58 -5.22
C GLU A 299 22.77 -33.99 -6.66
N THR A 300 21.61 -33.53 -7.09
CA THR A 300 21.05 -33.89 -8.43
C THR A 300 21.39 -32.84 -9.48
N ALA A 301 21.93 -31.71 -9.04
CA ALA A 301 22.19 -30.58 -9.93
C ALA A 301 23.29 -30.85 -10.94
N ASP A 302 23.27 -30.07 -12.01
CA ASP A 302 24.42 -29.94 -12.88
C ASP A 302 25.43 -29.05 -12.15
N PHE A 303 26.50 -29.66 -11.61
CA PHE A 303 27.42 -28.94 -10.73
C PHE A 303 28.21 -27.87 -11.47
N ASP A 304 28.54 -28.10 -12.73
CA ASP A 304 29.26 -27.08 -13.51
C ASP A 304 28.38 -25.87 -13.79
N LEU A 305 27.13 -26.14 -14.16
CA LEU A 305 26.17 -25.07 -14.38
C LEU A 305 25.96 -24.30 -13.09
N ALA A 306 25.82 -25.02 -11.98
CA ALA A 306 25.61 -24.38 -10.68
C ALA A 306 26.81 -23.48 -10.32
N ALA A 307 28.03 -24.00 -10.47
CA ALA A 307 29.21 -23.24 -10.08
C ALA A 307 29.31 -21.94 -10.88
N GLU A 308 29.02 -22.01 -12.17
CA GLU A 308 29.05 -20.80 -13.02
C GLU A 308 28.02 -19.78 -12.56
N GLY A 309 26.80 -20.24 -12.29
CA GLY A 309 25.73 -19.34 -11.87
C GLY A 309 25.95 -18.73 -10.50
N VAL A 310 26.57 -19.50 -9.61
CA VAL A 310 26.92 -19.00 -8.27
C VAL A 310 27.97 -17.91 -8.39
N VAL A 311 28.99 -18.13 -9.21
CA VAL A 311 30.06 -17.14 -9.39
C VAL A 311 29.54 -15.85 -10.02
N VAL A 312 28.72 -15.97 -11.06
CA VAL A 312 28.05 -14.77 -11.63
C VAL A 312 27.20 -14.04 -10.55
N SER A 313 26.40 -14.83 -9.82
CA SER A 313 25.48 -14.25 -8.81
C SER A 313 26.19 -13.62 -7.63
N ALA A 314 27.31 -14.22 -7.22
CA ALA A 314 28.03 -13.74 -6.03
C ALA A 314 28.94 -12.56 -6.33
N TYR A 315 29.55 -12.57 -7.51
CA TYR A 315 30.64 -11.62 -7.78
C TYR A 315 30.36 -10.57 -8.84
N GLY A 316 29.24 -10.72 -9.55
CA GLY A 316 28.81 -9.72 -10.54
C GLY A 316 28.72 -8.36 -9.85
N PHE A 317 29.30 -7.34 -10.48
CA PHE A 317 29.46 -6.00 -9.87
C PHE A 317 29.97 -6.08 -8.41
N GLN A 318 30.90 -6.99 -8.16
CA GLN A 318 31.61 -7.07 -6.88
C GLN A 318 30.68 -7.45 -5.73
N GLY A 319 29.57 -8.11 -6.05
CA GLY A 319 28.60 -8.52 -5.02
C GLY A 319 27.78 -7.38 -4.46
N GLN A 320 27.83 -6.22 -5.13
CA GLN A 320 27.15 -5.00 -4.66
C GLN A 320 25.76 -4.92 -5.28
N LYS A 321 24.99 -5.99 -5.09
CA LYS A 321 23.62 -6.05 -5.59
C LYS A 321 22.73 -6.55 -4.48
N CYS A 322 21.53 -6.00 -4.39
CA CYS A 322 20.55 -6.47 -3.43
C CYS A 322 20.14 -7.91 -3.76
N SER A 323 20.37 -8.30 -5.01
CA SER A 323 20.05 -9.63 -5.52
C SER A 323 21.20 -10.64 -5.45
N ALA A 324 22.39 -10.18 -5.06
CA ALA A 324 23.61 -11.01 -5.11
C ALA A 324 23.54 -12.27 -4.24
N ALA A 325 24.07 -13.40 -4.73
CA ALA A 325 24.18 -14.60 -3.91
C ALA A 325 25.28 -14.37 -2.90
N SER A 326 24.89 -14.14 -1.65
CA SER A 326 25.87 -14.02 -0.57
C SER A 326 25.92 -15.28 0.29
N ARG A 327 24.98 -16.22 0.05
CA ARG A 327 24.99 -17.51 0.73
C ARG A 327 24.92 -18.62 -0.30
N LEU A 328 25.73 -19.65 -0.10
CA LEU A 328 25.65 -20.86 -0.93
C LEU A 328 25.38 -22.02 0.01
N ILE A 329 24.20 -22.62 -0.14
CA ILE A 329 23.73 -23.65 0.78
C ILE A 329 23.81 -24.97 0.03
N LEU A 330 24.71 -25.84 0.48
CA LEU A 330 25.01 -27.07 -0.24
C LEU A 330 24.59 -28.26 0.61
N THR A 331 23.77 -29.14 0.03
CA THR A 331 23.42 -30.41 0.70
C THR A 331 24.69 -31.29 0.78
N GLN A 332 24.67 -32.33 1.61
CA GLN A 332 25.88 -33.11 1.84
C GLN A 332 26.50 -33.66 0.55
N GLY A 333 25.69 -34.24 -0.33
CA GLY A 333 26.18 -34.78 -1.59
C GLY A 333 26.66 -33.73 -2.59
N ALA A 334 26.20 -32.49 -2.45
CA ALA A 334 26.66 -31.42 -3.34
C ALA A 334 27.89 -30.68 -2.82
N TYR A 335 28.20 -30.82 -1.54
CA TYR A 335 29.15 -29.92 -0.89
C TYR A 335 30.51 -29.90 -1.57
N GLU A 336 31.19 -31.05 -1.57
CA GLU A 336 32.54 -31.10 -2.15
C GLU A 336 32.58 -30.78 -3.64
N PRO A 337 31.77 -31.47 -4.47
CA PRO A 337 31.83 -31.19 -5.90
C PRO A 337 31.53 -29.73 -6.27
N VAL A 338 30.55 -29.10 -5.63
CA VAL A 338 30.19 -27.72 -5.97
C VAL A 338 31.23 -26.73 -5.43
N LEU A 339 31.61 -26.88 -4.16
CA LEU A 339 32.58 -25.95 -3.60
C LEU A 339 33.88 -25.97 -4.39
N GLU A 340 34.33 -27.16 -4.79
CA GLU A 340 35.59 -27.28 -5.55
C GLU A 340 35.49 -26.50 -6.84
N ARG A 341 34.36 -26.65 -7.52
CA ARG A 341 34.15 -25.95 -8.79
C ARG A 341 34.01 -24.44 -8.63
N VAL A 342 33.31 -24.01 -7.57
CA VAL A 342 33.16 -22.57 -7.30
C VAL A 342 34.53 -21.96 -7.00
N LEU A 343 35.33 -22.64 -6.19
CA LEU A 343 36.66 -22.12 -5.84
C LEU A 343 37.56 -22.01 -7.06
N LYS A 344 37.53 -23.04 -7.91
CA LYS A 344 38.29 -23.07 -9.17
C LYS A 344 37.92 -21.93 -10.11
N ARG A 345 36.62 -21.70 -10.26
CA ARG A 345 36.12 -20.60 -11.10
C ARG A 345 36.45 -19.24 -10.48
N ALA A 346 36.20 -19.08 -9.17
CA ALA A 346 36.38 -17.78 -8.53
C ALA A 346 37.85 -17.37 -8.46
N GLU A 347 38.74 -18.33 -8.26
CA GLU A 347 40.17 -17.99 -8.20
C GLU A 347 40.70 -17.44 -9.54
N ARG A 348 39.98 -17.69 -10.63
CA ARG A 348 40.37 -17.21 -11.97
C ARG A 348 39.83 -15.80 -12.30
N LEU A 349 39.02 -15.22 -11.41
CA LEU A 349 38.40 -13.93 -11.70
C LEU A 349 39.44 -12.81 -11.68
N SER A 350 39.40 -11.95 -12.68
CA SER A 350 40.29 -10.81 -12.73
C SER A 350 39.71 -9.63 -11.93
N VAL A 351 40.60 -8.84 -11.31
CA VAL A 351 40.18 -7.66 -10.56
C VAL A 351 41.06 -6.49 -10.97
N GLY A 352 40.44 -5.37 -11.33
CA GLY A 352 41.21 -4.21 -11.68
C GLY A 352 40.35 -3.04 -12.06
N PRO A 353 40.96 -1.97 -12.58
CA PRO A 353 40.22 -0.78 -12.96
C PRO A 353 39.07 -1.15 -13.90
N ALA A 354 37.89 -0.60 -13.63
CA ALA A 354 36.68 -0.95 -14.36
C ALA A 354 36.80 -0.70 -15.87
N GLU A 355 37.51 0.37 -16.25
CA GLU A 355 37.70 0.67 -17.69
C GLU A 355 38.35 -0.47 -18.47
N GLU A 356 39.15 -1.29 -17.80
CA GLU A 356 39.81 -2.46 -18.41
C GLU A 356 38.85 -3.63 -18.67
N ASN A 357 37.58 -3.49 -18.29
CA ASN A 357 36.58 -4.57 -18.36
C ASN A 357 37.04 -5.86 -17.65
N PRO A 358 37.41 -5.72 -16.36
CA PRO A 358 37.81 -6.89 -15.59
C PRO A 358 36.54 -7.67 -15.19
N ASP A 359 36.71 -8.85 -14.59
CA ASP A 359 35.57 -9.56 -14.01
C ASP A 359 34.98 -8.78 -12.84
N LEU A 360 35.87 -8.18 -12.04
CA LEU A 360 35.50 -7.32 -10.92
C LEU A 360 36.26 -6.01 -11.01
N GLY A 361 35.54 -4.91 -10.88
CA GLY A 361 36.20 -3.62 -10.67
C GLY A 361 36.34 -3.45 -9.16
N PRO A 362 36.44 -2.19 -8.70
CA PRO A 362 36.60 -1.91 -7.27
C PRO A 362 35.23 -1.86 -6.60
N VAL A 363 35.19 -1.91 -5.27
CA VAL A 363 33.96 -1.52 -4.55
C VAL A 363 33.84 0.01 -4.61
N VAL A 364 32.69 0.55 -4.24
CA VAL A 364 32.32 1.90 -4.72
C VAL A 364 33.03 3.08 -4.03
N SER A 365 33.48 2.88 -2.80
CA SER A 365 33.98 4.00 -2.01
C SER A 365 34.89 3.50 -0.89
N ALA A 366 35.61 4.41 -0.26
CA ALA A 366 36.45 4.07 0.89
C ALA A 366 35.60 3.51 2.04
N GLU A 367 34.42 4.07 2.25
CA GLU A 367 33.53 3.59 3.30
C GLU A 367 33.05 2.18 3.00
N GLN A 368 32.66 1.92 1.74
CA GLN A 368 32.26 0.55 1.40
C GLN A 368 33.41 -0.44 1.59
N GLU A 369 34.60 -0.06 1.16
CA GLU A 369 35.77 -0.90 1.33
C GLU A 369 36.00 -1.22 2.82
N ARG A 370 35.90 -0.20 3.65
CA ARG A 370 36.06 -0.35 5.10
C ARG A 370 35.06 -1.37 5.66
N LYS A 371 33.79 -1.23 5.28
CA LYS A 371 32.74 -2.12 5.76
C LYS A 371 32.94 -3.55 5.32
N VAL A 372 33.23 -3.75 4.04
CA VAL A 372 33.50 -5.10 3.51
C VAL A 372 34.72 -5.75 4.20
N LEU A 373 35.82 -5.01 4.32
CA LEU A 373 37.02 -5.56 4.98
C LEU A 373 36.72 -5.89 6.43
N SER A 374 35.91 -5.05 7.07
CA SER A 374 35.48 -5.29 8.46
C SER A 374 34.68 -6.59 8.59
N TYR A 375 33.78 -6.83 7.64
CA TYR A 375 33.01 -8.08 7.63
C TYR A 375 33.88 -9.30 7.36
N ILE A 376 34.93 -9.10 6.56
CA ILE A 376 35.90 -10.16 6.34
C ILE A 376 36.60 -10.54 7.66
N GLU A 377 36.98 -9.54 8.44
CA GLU A 377 37.63 -9.82 9.73
C GLU A 377 36.68 -10.55 10.67
N ILE A 378 35.42 -10.12 10.70
CA ILE A 378 34.36 -10.81 11.45
C ILE A 378 34.24 -12.26 11.01
N GLY A 379 34.17 -12.46 9.69
CA GLY A 379 34.00 -13.78 9.09
C GLY A 379 35.12 -14.74 9.44
N LYS A 380 36.35 -14.24 9.53
CA LYS A 380 37.50 -15.06 9.94
C LYS A 380 37.35 -15.74 11.30
N ASN A 381 36.50 -15.15 12.15
CA ASN A 381 36.21 -15.72 13.46
C ASN A 381 34.89 -16.45 13.56
N GLU A 382 34.22 -16.63 12.42
CA GLU A 382 32.93 -17.29 12.38
C GLU A 382 32.96 -18.54 11.50
N GLY A 383 33.65 -18.44 10.38
CA GLY A 383 33.75 -19.53 9.44
C GLY A 383 35.19 -19.71 9.02
N GLN A 384 35.39 -20.55 8.00
CA GLN A 384 36.71 -20.86 7.50
C GLN A 384 37.00 -20.15 6.18
N LEU A 385 37.96 -19.24 6.20
CA LEU A 385 38.36 -18.54 4.98
C LEU A 385 39.07 -19.50 4.02
N VAL A 386 38.55 -19.63 2.80
CA VAL A 386 39.15 -20.55 1.82
C VAL A 386 39.55 -19.91 0.50
N LEU A 387 39.24 -18.62 0.33
CA LEU A 387 39.68 -17.86 -0.85
C LEU A 387 39.61 -16.36 -0.59
N GLY A 388 40.62 -15.63 -1.05
CA GLY A 388 40.64 -14.16 -0.99
C GLY A 388 40.73 -13.61 0.43
N GLY A 389 39.84 -12.66 0.73
CA GLY A 389 39.79 -12.04 2.06
C GLY A 389 40.74 -10.86 2.22
N LYS A 390 41.25 -10.36 1.10
CA LYS A 390 42.26 -9.30 1.12
C LYS A 390 41.87 -8.13 0.23
N ARG A 391 42.30 -6.94 0.64
CA ARG A 391 42.37 -5.80 -0.26
C ARG A 391 43.54 -6.09 -1.19
N LEU A 392 43.39 -5.72 -2.46
CA LEU A 392 44.49 -5.90 -3.39
C LEU A 392 45.28 -4.60 -3.44
N GLU A 393 46.47 -4.64 -4.04
CA GLU A 393 47.32 -3.45 -4.14
C GLU A 393 46.73 -2.45 -5.10
N GLY A 394 47.01 -1.17 -4.88
CA GLY A 394 46.53 -0.12 -5.78
C GLY A 394 45.66 0.90 -5.08
N GLU A 395 45.57 2.08 -5.68
CA GLU A 395 44.80 3.20 -5.15
C GLU A 395 43.29 2.90 -5.11
N GLY A 396 42.79 2.23 -6.15
CA GLY A 396 41.35 1.89 -6.23
C GLY A 396 40.92 0.90 -5.15
N TYR A 397 39.61 0.82 -4.91
CA TYR A 397 39.11 0.03 -3.80
C TYR A 397 38.91 -1.44 -4.16
N PHE A 398 40.01 -2.11 -4.47
CA PHE A 398 39.97 -3.46 -5.01
C PHE A 398 40.00 -4.50 -3.91
N ILE A 399 38.97 -5.37 -3.90
CA ILE A 399 38.86 -6.44 -2.92
C ILE A 399 38.79 -7.75 -3.71
N ALA A 400 39.57 -8.74 -3.27
CA ALA A 400 39.59 -10.06 -3.91
C ALA A 400 38.27 -10.81 -3.68
N PRO A 401 37.80 -11.57 -4.71
CA PRO A 401 36.69 -12.51 -4.48
C PRO A 401 36.98 -13.38 -3.26
N THR A 402 36.03 -13.42 -2.32
CA THR A 402 36.24 -14.03 -1.02
C THR A 402 35.21 -15.15 -0.76
N VAL A 403 35.68 -16.26 -0.19
CA VAL A 403 34.81 -17.37 0.17
C VAL A 403 35.12 -17.84 1.60
N PHE A 404 34.08 -17.92 2.43
CA PHE A 404 34.15 -18.59 3.72
C PHE A 404 33.31 -19.84 3.61
N THR A 405 33.77 -20.94 4.20
CA THR A 405 32.98 -22.16 4.23
C THR A 405 32.78 -22.69 5.65
N GLU A 406 31.96 -23.72 5.80
CA GLU A 406 31.50 -24.22 7.11
C GLU A 406 31.00 -23.08 7.97
N VAL A 407 30.23 -22.19 7.34
CA VAL A 407 29.73 -21.03 8.04
C VAL A 407 28.45 -21.44 8.79
N PRO A 408 28.40 -21.17 10.12
CA PRO A 408 27.16 -21.36 10.89
C PRO A 408 26.02 -20.50 10.33
N PRO A 409 24.81 -21.10 10.14
CA PRO A 409 23.67 -20.35 9.58
C PRO A 409 23.34 -19.06 10.32
N LYS A 410 23.60 -19.03 11.64
CA LYS A 410 23.35 -17.84 12.45
C LYS A 410 24.53 -16.89 12.58
N ALA A 411 25.65 -17.22 11.94
CA ALA A 411 26.81 -16.32 11.96
C ALA A 411 26.45 -14.95 11.39
N ARG A 412 27.11 -13.90 11.89
CA ARG A 412 26.89 -12.55 11.32
C ARG A 412 27.05 -12.50 9.80
N ILE A 413 28.08 -13.15 9.28
CA ILE A 413 28.34 -13.15 7.82
C ILE A 413 27.32 -14.00 7.06
N ALA A 414 26.54 -14.82 7.77
CA ALA A 414 25.42 -15.56 7.16
C ALA A 414 24.06 -14.87 7.33
N GLN A 415 24.03 -13.74 8.03
CA GLN A 415 22.77 -13.06 8.34
C GLN A 415 22.72 -11.61 7.85
N GLU A 416 23.86 -10.92 7.91
CA GLU A 416 23.93 -9.48 7.65
C GLU A 416 24.41 -9.21 6.23
N GLU A 417 23.82 -8.20 5.61
CA GLU A 417 24.16 -7.88 4.21
C GLU A 417 25.52 -7.17 4.14
N ILE A 418 26.51 -7.87 3.60
CA ILE A 418 27.87 -7.33 3.46
C ILE A 418 28.01 -6.43 2.23
N PHE A 419 27.34 -6.80 1.14
CA PHE A 419 27.33 -5.96 -0.06
C PHE A 419 28.72 -5.81 -0.69
N GLY A 420 29.47 -6.89 -0.70
CA GLY A 420 30.78 -6.95 -1.31
C GLY A 420 31.00 -8.36 -1.83
N PRO A 421 32.20 -8.63 -2.37
CA PRO A 421 32.48 -9.89 -3.03
C PRO A 421 32.82 -10.98 -2.01
N VAL A 422 31.85 -11.32 -1.16
CA VAL A 422 32.04 -12.23 -0.03
C VAL A 422 30.93 -13.28 0.00
N LEU A 423 31.31 -14.52 -0.28
CA LEU A 423 30.34 -15.61 -0.33
C LEU A 423 30.50 -16.49 0.91
N SER A 424 29.37 -16.80 1.56
CA SER A 424 29.37 -17.66 2.75
C SER A 424 28.75 -19.00 2.36
N VAL A 425 29.54 -20.07 2.51
CA VAL A 425 29.10 -21.41 2.13
C VAL A 425 28.63 -22.18 3.38
N ILE A 426 27.43 -22.72 3.30
CA ILE A 426 26.75 -23.36 4.43
C ILE A 426 26.45 -24.81 4.03
N ARG A 427 26.89 -25.75 4.87
CA ARG A 427 26.73 -27.17 4.58
C ARG A 427 25.55 -27.72 5.37
N VAL A 428 24.61 -28.34 4.67
CA VAL A 428 23.38 -28.84 5.29
C VAL A 428 23.17 -30.30 4.88
N LYS A 429 22.29 -31.00 5.58
CA LYS A 429 22.12 -32.44 5.36
C LYS A 429 21.40 -32.71 4.05
N ASP A 430 20.23 -32.09 3.88
CA ASP A 430 19.34 -32.44 2.79
C ASP A 430 18.59 -31.21 2.33
N PHE A 431 17.70 -31.38 1.35
CA PHE A 431 16.95 -30.26 0.79
C PHE A 431 16.02 -29.59 1.80
N ALA A 432 15.41 -30.39 2.68
CA ALA A 432 14.57 -29.84 3.75
C ALA A 432 15.35 -28.86 4.64
N GLU A 433 16.54 -29.26 5.06
CA GLU A 433 17.38 -28.37 5.88
C GLU A 433 17.89 -27.18 5.05
N ALA A 434 18.17 -27.41 3.76
CA ALA A 434 18.55 -26.29 2.87
C ALA A 434 17.50 -25.19 2.87
N LEU A 435 16.23 -25.59 2.74
CA LEU A 435 15.11 -24.64 2.75
C LEU A 435 14.98 -23.91 4.10
N GLU A 436 15.12 -24.65 5.20
CA GLU A 436 15.09 -24.03 6.54
C GLU A 436 16.15 -22.95 6.69
N VAL A 437 17.38 -23.28 6.30
CA VAL A 437 18.50 -22.33 6.39
C VAL A 437 18.24 -21.15 5.43
N ALA A 438 17.81 -21.45 4.21
CA ALA A 438 17.49 -20.37 3.24
C ALA A 438 16.51 -19.35 3.82
N ASN A 439 15.46 -19.85 4.47
CA ASN A 439 14.39 -18.99 4.98
C ASN A 439 14.73 -18.26 6.29
N ASP A 440 15.69 -18.80 7.04
CA ASP A 440 16.00 -18.26 8.36
C ASP A 440 16.96 -17.08 8.28
N THR A 441 16.48 -16.00 7.67
CA THR A 441 17.13 -14.70 7.77
C THR A 441 16.00 -13.68 7.92
N PRO A 442 16.36 -12.42 8.24
CA PRO A 442 15.31 -11.39 8.27
C PRO A 442 14.83 -10.94 6.87
N TYR A 443 15.50 -11.42 5.83
CA TYR A 443 15.28 -10.93 4.45
C TYR A 443 14.48 -11.90 3.60
N GLY A 444 14.15 -11.50 2.37
CA GLY A 444 13.38 -12.39 1.49
C GLY A 444 13.33 -11.83 0.08
N LEU A 445 14.51 -11.53 -0.47
CA LEU A 445 14.58 -10.84 -1.76
C LEU A 445 14.74 -11.79 -2.93
N THR A 446 15.94 -12.33 -3.15
CA THR A 446 16.16 -13.29 -4.22
C THR A 446 16.65 -14.60 -3.64
N GLY A 447 16.53 -15.64 -4.44
CA GLY A 447 17.00 -16.97 -4.04
C GLY A 447 17.11 -17.80 -5.28
N GLY A 448 17.89 -18.88 -5.20
CA GLY A 448 17.99 -19.79 -6.32
C GLY A 448 18.12 -21.23 -5.87
N VAL A 449 17.76 -22.15 -6.76
CA VAL A 449 17.96 -23.58 -6.52
C VAL A 449 18.54 -24.15 -7.80
N TYR A 450 19.67 -24.85 -7.67
CA TYR A 450 20.15 -25.73 -8.73
C TYR A 450 19.81 -27.17 -8.33
N SER A 451 18.99 -27.82 -9.14
CA SER A 451 18.50 -29.19 -8.89
C SER A 451 17.85 -29.73 -10.16
N ARG A 452 18.02 -31.03 -10.42
CA ARG A 452 17.25 -31.66 -11.49
C ARG A 452 15.97 -32.33 -10.97
N LYS A 453 15.82 -32.37 -9.64
CA LYS A 453 14.69 -33.09 -9.05
C LYS A 453 13.46 -32.21 -9.06
N ARG A 454 12.43 -32.62 -9.82
CA ARG A 454 11.23 -31.76 -10.02
C ARG A 454 10.57 -31.44 -8.70
N GLU A 455 10.51 -32.45 -7.84
CA GLU A 455 9.84 -32.29 -6.55
C GLU A 455 10.55 -31.28 -5.63
N HIS A 456 11.87 -31.16 -5.73
CA HIS A 456 12.62 -30.15 -4.95
C HIS A 456 12.36 -28.75 -5.52
N LEU A 457 12.41 -28.63 -6.84
CA LEU A 457 12.06 -27.35 -7.50
C LEU A 457 10.68 -26.87 -7.13
N GLU A 458 9.69 -27.77 -7.24
CA GLU A 458 8.31 -27.35 -7.00
C GLU A 458 8.05 -27.08 -5.51
N TRP A 459 8.74 -27.80 -4.63
CA TRP A 459 8.72 -27.52 -3.19
C TRP A 459 9.26 -26.09 -2.92
N ALA A 460 10.39 -25.75 -3.53
CA ALA A 460 10.98 -24.40 -3.37
C ALA A 460 10.04 -23.33 -3.92
N ARG A 461 9.37 -23.63 -5.03
CA ARG A 461 8.38 -22.69 -5.61
C ARG A 461 7.36 -22.33 -4.54
N ARG A 462 6.97 -23.31 -3.73
CA ARG A 462 5.97 -23.13 -2.69
C ARG A 462 6.52 -22.57 -1.39
N GLU A 463 7.77 -22.90 -1.06
CA GLU A 463 8.26 -22.68 0.31
C GLU A 463 9.57 -21.90 0.52
N PHE A 464 10.31 -21.64 -0.56
CA PHE A 464 11.54 -20.83 -0.46
C PHE A 464 11.04 -19.39 -0.51
N HIS A 465 10.93 -18.78 0.66
CA HIS A 465 10.16 -17.54 0.82
C HIS A 465 10.96 -16.28 0.43
N VAL A 466 11.08 -16.10 -0.89
CA VAL A 466 11.72 -14.92 -1.47
C VAL A 466 10.82 -14.40 -2.60
N GLY A 467 10.91 -13.10 -2.88
CA GLY A 467 10.05 -12.48 -3.88
C GLY A 467 10.43 -12.82 -5.31
N ASN A 468 11.71 -13.16 -5.50
CA ASN A 468 12.28 -13.46 -6.82
C ASN A 468 13.14 -14.68 -6.73
N LEU A 469 12.63 -15.77 -7.27
CA LEU A 469 13.22 -17.10 -7.15
C LEU A 469 13.58 -17.61 -8.55
N TYR A 470 14.73 -18.26 -8.65
CA TYR A 470 15.25 -18.68 -9.96
C TYR A 470 15.76 -20.12 -9.87
N PHE A 471 15.42 -20.94 -10.85
CA PHE A 471 15.84 -22.35 -10.88
C PHE A 471 16.82 -22.61 -12.01
N ASN A 472 17.97 -23.15 -11.65
CA ASN A 472 19.01 -23.56 -12.60
C ASN A 472 19.52 -22.40 -13.48
N ARG A 473 19.69 -21.25 -12.82
CA ARG A 473 20.21 -20.05 -13.45
C ARG A 473 20.60 -19.06 -12.36
N LYS A 474 21.31 -18.02 -12.75
CA LYS A 474 21.73 -16.93 -11.86
C LYS A 474 20.54 -16.25 -11.18
N ILE A 475 20.77 -15.67 -10.01
CA ILE A 475 19.68 -15.05 -9.25
C ILE A 475 19.66 -13.54 -9.35
N THR A 476 20.62 -13.01 -10.10
CA THR A 476 20.71 -11.59 -10.37
C THR A 476 20.12 -11.31 -11.75
N GLY A 477 19.98 -10.02 -12.05
CA GLY A 477 19.65 -9.58 -13.41
C GLY A 477 18.18 -9.76 -13.79
N ALA A 478 17.28 -9.58 -12.82
CA ALA A 478 15.83 -9.63 -13.08
C ALA A 478 15.52 -8.67 -14.21
N LEU A 479 14.77 -9.14 -15.21
CA LEU A 479 14.42 -8.29 -16.35
C LEU A 479 13.05 -7.65 -16.16
N VAL A 480 12.98 -6.36 -16.45
CA VAL A 480 11.72 -5.62 -16.47
C VAL A 480 10.66 -6.36 -17.31
N GLY A 481 9.44 -6.50 -16.76
CA GLY A 481 8.34 -7.13 -17.50
C GLY A 481 8.33 -8.64 -17.29
N VAL A 482 9.52 -9.25 -17.32
CA VAL A 482 9.67 -10.69 -17.27
C VAL A 482 9.58 -11.16 -15.82
N GLN A 483 10.36 -10.51 -14.95
CA GLN A 483 10.44 -10.91 -13.55
C GLN A 483 10.12 -9.71 -12.66
N PRO A 484 8.83 -9.52 -12.30
CA PRO A 484 8.47 -8.48 -11.33
C PRO A 484 9.44 -8.53 -10.16
N PHE A 485 10.08 -7.40 -9.83
CA PHE A 485 11.17 -7.45 -8.85
C PHE A 485 10.83 -6.79 -7.51
N GLY A 486 11.04 -7.53 -6.43
CA GLY A 486 10.76 -6.99 -5.10
C GLY A 486 10.55 -8.10 -4.12
N GLY A 487 10.83 -7.84 -2.84
CA GLY A 487 10.96 -8.93 -1.88
C GLY A 487 9.92 -9.01 -0.79
N PHE A 488 10.19 -9.91 0.16
CA PHE A 488 9.36 -10.13 1.33
C PHE A 488 10.14 -9.72 2.57
N LYS A 489 9.44 -9.70 3.69
CA LYS A 489 10.08 -9.57 4.99
C LYS A 489 10.87 -8.26 5.02
N LEU A 490 12.08 -8.26 5.57
CA LEU A 490 12.81 -7.01 5.68
C LEU A 490 13.58 -6.64 4.40
N SER A 491 13.27 -7.35 3.32
CA SER A 491 13.69 -6.89 1.99
C SER A 491 12.77 -5.81 1.42
N GLY A 492 11.71 -5.45 2.15
CA GLY A 492 10.98 -4.25 1.75
C GLY A 492 9.49 -4.39 1.73
N THR A 493 8.84 -3.49 0.98
CA THR A 493 7.38 -3.45 0.95
C THR A 493 6.77 -4.24 -0.22
N ASN A 494 7.59 -4.96 -0.99
CA ASN A 494 7.10 -5.76 -2.14
C ASN A 494 6.49 -4.90 -3.25
N ALA A 495 6.98 -3.67 -3.42
CA ALA A 495 6.61 -2.88 -4.60
C ALA A 495 7.27 -3.55 -5.77
N LYS A 496 6.50 -4.22 -6.61
CA LYS A 496 7.09 -5.00 -7.69
C LYS A 496 7.45 -4.11 -8.89
N THR A 497 8.74 -3.80 -9.07
CA THR A 497 9.16 -2.97 -10.20
C THR A 497 9.08 -3.75 -11.51
N GLY A 498 8.89 -3.04 -12.62
CA GLY A 498 8.78 -3.69 -13.95
C GLY A 498 7.57 -4.63 -14.02
N ALA A 499 6.50 -4.26 -13.33
CA ALA A 499 5.25 -5.01 -13.34
C ALA A 499 4.08 -4.05 -13.37
N LEU A 500 2.95 -4.49 -13.91
CA LEU A 500 1.75 -3.65 -14.04
C LEU A 500 1.34 -3.07 -12.67
N ASP A 501 1.46 -3.88 -11.63
CA ASP A 501 1.07 -3.52 -10.28
C ASP A 501 1.83 -2.33 -9.72
N TYR A 502 3.06 -2.10 -10.22
CA TYR A 502 3.87 -1.00 -9.68
C TYR A 502 3.15 0.35 -9.75
N LEU A 503 2.50 0.62 -10.88
CA LEU A 503 1.96 1.95 -11.07
C LEU A 503 0.75 2.23 -10.18
N ARG A 504 0.04 1.17 -9.81
CA ARG A 504 -1.13 1.31 -8.92
C ARG A 504 -0.73 1.92 -7.57
N LEU A 505 0.53 1.71 -7.17
CA LEU A 505 1.07 2.25 -5.93
C LEU A 505 1.05 3.77 -5.90
N PHE A 506 1.03 4.39 -7.08
CA PHE A 506 1.14 5.85 -7.20
C PHE A 506 -0.16 6.49 -7.65
N LEU A 507 -1.25 5.77 -7.39
CA LEU A 507 -2.59 6.21 -7.79
C LEU A 507 -3.55 6.04 -6.63
N GLU A 508 -4.59 6.87 -6.62
CA GLU A 508 -5.71 6.66 -5.74
C GLU A 508 -6.98 6.64 -6.59
N MET A 509 -8.07 6.13 -6.04
CA MET A 509 -9.28 5.91 -6.85
C MET A 509 -10.40 6.82 -6.37
N LYS A 510 -11.13 7.37 -7.34
CA LYS A 510 -12.34 8.14 -7.10
C LYS A 510 -13.55 7.38 -7.72
N ALA A 511 -14.68 7.38 -7.02
CA ALA A 511 -15.92 6.79 -7.53
C ALA A 511 -16.97 7.88 -7.60
N VAL A 512 -17.49 8.12 -8.80
CA VAL A 512 -18.46 9.20 -9.01
C VAL A 512 -19.77 8.65 -9.58
N ALA A 513 -20.87 8.88 -8.87
CA ALA A 513 -22.20 8.40 -9.24
C ALA A 513 -23.07 9.59 -9.65
N GLU A 514 -23.71 9.50 -10.81
CA GLU A 514 -24.77 10.44 -11.17
C GLU A 514 -26.11 9.73 -11.24
N ARG A 515 -27.07 10.17 -10.44
CA ARG A 515 -28.43 9.65 -10.56
C ARG A 515 -29.20 10.56 -11.54
N PHE A 516 -29.65 9.97 -12.65
CA PHE A 516 -30.28 10.76 -13.70
C PHE A 516 -31.72 11.17 -13.42
N MET B 1 -15.16 -22.76 -10.02
CA MET B 1 -16.41 -22.29 -9.36
C MET B 1 -17.21 -21.36 -10.30
N THR B 2 -18.47 -21.72 -10.58
CA THR B 2 -19.35 -20.86 -11.37
C THR B 2 -20.64 -20.55 -10.61
N VAL B 3 -20.82 -19.29 -10.30
CA VAL B 3 -22.01 -18.82 -9.59
C VAL B 3 -22.63 -17.73 -10.44
N GLU B 4 -23.83 -17.30 -10.08
CA GLU B 4 -24.51 -16.21 -10.77
C GLU B 4 -23.65 -14.95 -10.66
N PRO B 5 -23.71 -14.08 -11.69
CA PRO B 5 -23.07 -12.78 -11.58
C PRO B 5 -23.52 -12.09 -10.31
N PHE B 6 -22.59 -11.40 -9.67
CA PHE B 6 -22.89 -10.61 -8.47
C PHE B 6 -24.07 -9.66 -8.67
N ARG B 7 -24.98 -9.66 -7.69
CA ARG B 7 -26.01 -8.63 -7.54
C ARG B 7 -26.04 -8.23 -6.07
N ASN B 8 -26.40 -6.97 -5.80
CA ASN B 8 -26.51 -6.50 -4.41
C ASN B 8 -27.76 -7.09 -3.77
N GLU B 9 -27.62 -7.42 -2.49
CA GLU B 9 -28.72 -7.91 -1.67
C GLU B 9 -29.76 -6.78 -1.51
N PRO B 10 -31.02 -7.06 -1.87
CA PRO B 10 -32.05 -6.02 -1.76
C PRO B 10 -32.20 -5.56 -0.30
N ILE B 11 -32.33 -4.25 -0.13
CA ILE B 11 -32.56 -3.66 1.18
C ILE B 11 -34.07 -3.70 1.44
N GLU B 12 -34.45 -4.32 2.55
CA GLU B 12 -35.86 -4.45 2.89
C GLU B 12 -36.42 -3.07 3.26
N THR B 13 -37.60 -2.74 2.71
CA THR B 13 -38.29 -1.47 3.01
C THR B 13 -39.45 -1.62 3.99
N PHE B 14 -39.90 -2.87 4.20
CA PHE B 14 -40.94 -3.18 5.18
C PHE B 14 -42.30 -2.60 4.78
N GLN B 15 -42.54 -2.56 3.47
CA GLN B 15 -43.80 -2.05 2.94
C GLN B 15 -44.89 -3.13 2.91
N THR B 16 -44.48 -4.39 3.06
CA THR B 16 -45.44 -5.48 3.06
C THR B 16 -45.74 -5.95 4.48
N GLU B 17 -46.92 -6.52 4.65
CA GLU B 17 -47.33 -7.06 5.94
C GLU B 17 -46.38 -8.19 6.37
N GLU B 18 -46.01 -9.06 5.42
CA GLU B 18 -45.11 -10.17 5.74
C GLU B 18 -43.77 -9.70 6.31
N ALA B 19 -43.21 -8.66 5.70
CA ALA B 19 -41.92 -8.12 6.12
C ALA B 19 -41.99 -7.52 7.53
N ARG B 20 -43.07 -6.76 7.79
CA ARG B 20 -43.29 -6.21 9.13
C ARG B 20 -43.48 -7.31 10.19
N ARG B 21 -44.29 -8.31 9.86
CA ARG B 21 -44.53 -9.49 10.71
C ARG B 21 -43.20 -10.19 11.04
N ALA B 22 -42.39 -10.41 10.00
CA ALA B 22 -41.09 -11.05 10.16
C ALA B 22 -40.16 -10.23 11.07
N MET B 23 -40.19 -8.91 10.93
CA MET B 23 -39.35 -8.05 11.78
C MET B 23 -39.81 -8.12 13.23
N ARG B 24 -41.13 -8.02 13.45
CA ARG B 24 -41.67 -8.11 14.82
C ARG B 24 -41.28 -9.42 15.49
N GLU B 25 -41.37 -10.53 14.75
CA GLU B 25 -40.93 -11.84 15.24
C GLU B 25 -39.44 -11.84 15.62
N ALA B 26 -38.61 -11.27 14.74
CA ALA B 26 -37.17 -11.18 14.97
C ALA B 26 -36.84 -10.31 16.20
N LEU B 27 -37.51 -9.17 16.33
CA LEU B 27 -37.34 -8.29 17.49
C LEU B 27 -37.68 -9.04 18.78
N ARG B 28 -38.76 -9.83 18.73
CA ARG B 28 -39.15 -10.62 19.90
C ARG B 28 -38.12 -11.67 20.26
N ARG B 29 -37.65 -12.41 19.26
CA ARG B 29 -36.63 -13.45 19.49
C ARG B 29 -35.36 -12.83 20.11
N VAL B 30 -34.93 -11.70 19.55
CA VAL B 30 -33.70 -11.04 20.01
C VAL B 30 -33.81 -10.54 21.44
N ARG B 31 -34.94 -9.91 21.78
CA ARG B 31 -35.11 -9.39 23.15
C ARG B 31 -35.30 -10.49 24.19
N GLU B 32 -35.90 -11.61 23.78
CA GLU B 32 -35.98 -12.78 24.66
C GLU B 32 -34.60 -13.34 24.99
N GLU B 33 -33.61 -13.04 24.14
CA GLU B 33 -32.24 -13.48 24.33
C GLU B 33 -31.31 -12.40 24.93
N PHE B 34 -31.87 -11.28 25.40
CA PHE B 34 -31.06 -10.22 26.02
C PHE B 34 -30.19 -10.73 27.16
N GLY B 35 -30.61 -11.80 27.82
CA GLY B 35 -29.78 -12.41 28.88
C GLY B 35 -28.43 -13.02 28.46
N ARG B 36 -28.28 -13.30 27.17
CA ARG B 36 -27.15 -14.10 26.67
C ARG B 36 -25.75 -13.55 26.94
N HIS B 37 -24.83 -14.48 27.21
CA HIS B 37 -23.40 -14.22 27.26
C HIS B 37 -22.70 -14.90 26.08
N TYR B 38 -21.84 -14.15 25.41
CA TYR B 38 -21.14 -14.62 24.22
C TYR B 38 -19.65 -14.63 24.52
N PRO B 39 -19.02 -15.82 24.54
CA PRO B 39 -17.59 -15.85 24.80
C PRO B 39 -16.75 -15.31 23.62
N LEU B 40 -15.43 -15.33 23.81
CA LEU B 40 -14.49 -15.14 22.70
C LEU B 40 -14.57 -16.33 21.74
N TYR B 41 -14.03 -16.18 20.54
CA TYR B 41 -13.95 -17.31 19.64
C TYR B 41 -12.51 -17.38 19.17
N ILE B 42 -11.81 -18.43 19.58
CA ILE B 42 -10.38 -18.56 19.34
C ILE B 42 -10.10 -20.00 18.92
N GLY B 43 -9.41 -20.16 17.79
CA GLY B 43 -9.04 -21.49 17.32
C GLY B 43 -10.22 -22.45 17.20
N GLY B 44 -11.33 -21.96 16.66
CA GLY B 44 -12.47 -22.82 16.33
C GLY B 44 -13.40 -23.13 17.50
N GLU B 45 -13.13 -22.54 18.65
CA GLU B 45 -13.99 -22.77 19.82
C GLU B 45 -14.32 -21.50 20.58
N TRP B 46 -15.48 -21.53 21.24
CA TRP B 46 -15.90 -20.45 22.09
C TRP B 46 -15.18 -20.61 23.43
N VAL B 47 -14.49 -19.55 23.85
CA VAL B 47 -13.60 -19.55 25.01
C VAL B 47 -14.02 -18.38 25.88
N ASP B 48 -14.38 -18.67 27.12
CA ASP B 48 -14.85 -17.62 28.02
C ASP B 48 -13.72 -17.01 28.84
N THR B 49 -13.99 -15.86 29.47
CA THR B 49 -13.05 -15.19 30.35
C THR B 49 -13.74 -14.83 31.66
N LYS B 50 -12.93 -14.49 32.67
CA LYS B 50 -13.45 -14.01 33.95
C LYS B 50 -14.17 -12.67 33.80
N GLU B 51 -13.48 -11.69 33.20
CA GLU B 51 -14.04 -10.35 33.00
C GLU B 51 -14.99 -10.33 31.81
N ARG B 52 -15.85 -9.32 31.73
CA ARG B 52 -16.85 -9.29 30.67
C ARG B 52 -17.04 -7.89 30.12
N MET B 53 -17.68 -7.81 28.95
CA MET B 53 -18.05 -6.54 28.33
C MET B 53 -19.57 -6.51 28.39
N VAL B 54 -20.15 -5.37 28.73
CA VAL B 54 -21.61 -5.26 28.80
C VAL B 54 -22.11 -4.39 27.64
N SER B 55 -23.18 -4.83 26.98
CA SER B 55 -23.77 -4.08 25.89
C SER B 55 -25.17 -3.59 26.26
N LEU B 56 -25.39 -2.29 26.11
CA LEU B 56 -26.65 -1.65 26.49
C LEU B 56 -27.49 -1.25 25.27
N ASN B 57 -28.80 -1.16 25.48
CA ASN B 57 -29.74 -0.64 24.49
C ASN B 57 -29.71 0.87 24.55
N PRO B 58 -29.20 1.54 23.50
CA PRO B 58 -29.10 3.02 23.56
C PRO B 58 -30.46 3.71 23.56
N SER B 59 -31.53 2.98 23.23
CA SER B 59 -32.89 3.53 23.30
C SER B 59 -33.48 3.37 24.71
N ALA B 60 -32.80 2.57 25.55
CA ALA B 60 -33.21 2.28 26.93
C ALA B 60 -31.99 1.74 27.67
N PRO B 61 -31.03 2.62 27.99
CA PRO B 61 -29.72 2.14 28.46
C PRO B 61 -29.69 1.38 29.78
N SER B 62 -30.80 1.37 30.53
CA SER B 62 -30.89 0.49 31.71
C SER B 62 -31.11 -0.97 31.32
N GLU B 63 -31.39 -1.20 30.03
CA GLU B 63 -31.62 -2.54 29.52
C GLU B 63 -30.36 -3.10 28.86
N VAL B 64 -29.85 -4.18 29.44
CA VAL B 64 -28.71 -4.89 28.89
C VAL B 64 -29.17 -5.76 27.71
N VAL B 65 -28.47 -5.67 26.59
CA VAL B 65 -28.83 -6.46 25.41
C VAL B 65 -27.99 -7.73 25.31
N GLY B 66 -26.91 -7.77 26.06
CA GLY B 66 -26.07 -8.96 26.17
C GLY B 66 -24.75 -8.63 26.84
N THR B 67 -23.99 -9.68 27.13
CA THR B 67 -22.62 -9.52 27.60
C THR B 67 -21.73 -10.45 26.79
N THR B 68 -20.45 -10.10 26.71
CA THR B 68 -19.45 -10.94 26.08
C THR B 68 -18.23 -11.09 26.98
N ALA B 69 -17.40 -12.08 26.66
CA ALA B 69 -16.09 -12.21 27.27
C ALA B 69 -15.26 -10.97 26.92
N LYS B 70 -14.11 -10.82 27.56
CA LYS B 70 -13.27 -9.64 27.42
C LYS B 70 -11.84 -10.09 27.22
N ALA B 71 -11.31 -9.85 26.03
CA ALA B 71 -9.97 -10.30 25.68
C ALA B 71 -8.91 -9.36 26.26
N GLY B 72 -7.93 -9.96 26.93
CA GLY B 72 -6.75 -9.22 27.39
C GLY B 72 -5.55 -9.72 26.62
N LYS B 73 -4.35 -9.48 27.14
CA LYS B 73 -3.13 -9.85 26.42
C LYS B 73 -2.96 -11.36 26.23
N ALA B 74 -3.33 -12.14 27.25
CA ALA B 74 -3.21 -13.60 27.15
C ALA B 74 -4.06 -14.15 26.02
N GLU B 75 -5.28 -13.62 25.91
CA GLU B 75 -6.22 -14.06 24.89
C GLU B 75 -5.77 -13.59 23.50
N ALA B 76 -5.20 -12.40 23.43
CA ALA B 76 -4.55 -11.91 22.22
C ALA B 76 -3.43 -12.84 21.74
N GLU B 77 -2.57 -13.28 22.66
CA GLU B 77 -1.52 -14.26 22.37
C GLU B 77 -2.05 -15.62 21.92
N ALA B 78 -3.11 -16.10 22.59
CA ALA B 78 -3.76 -17.33 22.18
C ALA B 78 -4.31 -17.24 20.76
N ALA B 79 -4.96 -16.11 20.47
CA ALA B 79 -5.53 -15.85 19.13
C ALA B 79 -4.43 -15.78 18.08
N LEU B 80 -3.31 -15.13 18.42
CA LEU B 80 -2.14 -15.08 17.52
C LEU B 80 -1.56 -16.44 17.20
N GLU B 81 -1.37 -17.26 18.23
CA GLU B 81 -0.91 -18.61 18.02
C GLU B 81 -1.86 -19.35 17.07
N ALA B 82 -3.16 -19.28 17.36
CA ALA B 82 -4.16 -19.99 16.56
C ALA B 82 -4.17 -19.52 15.12
N ALA B 83 -4.09 -18.19 14.92
CA ALA B 83 -4.16 -17.60 13.57
C ALA B 83 -2.93 -17.96 12.73
N TRP B 84 -1.76 -17.98 13.34
CA TRP B 84 -0.53 -18.33 12.61
C TRP B 84 -0.49 -19.82 12.31
N LYS B 85 -0.90 -20.64 13.28
CA LYS B 85 -1.02 -22.08 13.03
C LYS B 85 -1.98 -22.34 11.86
N ALA B 86 -3.14 -21.71 11.87
CA ALA B 86 -4.12 -21.88 10.78
C ALA B 86 -3.59 -21.34 9.46
N PHE B 87 -2.88 -20.20 9.49
CA PHE B 87 -2.35 -19.60 8.24
C PHE B 87 -1.54 -20.60 7.42
N LYS B 88 -0.71 -21.39 8.12
CA LYS B 88 0.15 -22.39 7.47
C LYS B 88 -0.57 -23.30 6.50
N THR B 89 -1.82 -23.66 6.80
CA THR B 89 -2.58 -24.54 5.89
C THR B 89 -3.67 -23.81 5.10
N TRP B 90 -4.26 -22.77 5.69
CA TRP B 90 -5.32 -22.00 5.05
C TRP B 90 -4.80 -21.32 3.78
N LYS B 91 -3.54 -20.88 3.84
CA LYS B 91 -2.92 -20.24 2.67
C LYS B 91 -2.86 -21.21 1.50
N ASP B 92 -2.87 -22.52 1.76
CA ASP B 92 -2.70 -23.51 0.70
C ASP B 92 -4.02 -24.05 0.15
N TRP B 93 -5.15 -23.64 0.73
CA TRP B 93 -6.45 -24.02 0.17
C TRP B 93 -6.54 -23.49 -1.26
N PRO B 94 -7.08 -24.28 -2.21
CA PRO B 94 -7.39 -23.72 -3.52
C PRO B 94 -8.28 -22.53 -3.33
N GLN B 95 -8.14 -21.52 -4.18
CA GLN B 95 -8.98 -20.33 -4.02
C GLN B 95 -10.46 -20.70 -4.13
N GLU B 96 -10.77 -21.67 -5.01
CA GLU B 96 -12.16 -22.04 -5.21
C GLU B 96 -12.77 -22.54 -3.91
N ASP B 97 -11.97 -23.26 -3.10
CA ASP B 97 -12.45 -23.82 -1.83
C ASP B 97 -12.66 -22.70 -0.82
N ARG B 98 -11.75 -21.73 -0.77
CA ARG B 98 -11.93 -20.56 0.15
C ARG B 98 -13.15 -19.74 -0.26
N SER B 99 -13.32 -19.53 -1.57
CA SER B 99 -14.46 -18.79 -2.08
C SER B 99 -15.79 -19.48 -1.77
N ARG B 100 -15.82 -20.81 -1.86
CA ARG B 100 -17.05 -21.56 -1.52
C ARG B 100 -17.39 -21.39 -0.03
N LEU B 101 -16.37 -21.36 0.81
CA LEU B 101 -16.59 -21.15 2.24
C LEU B 101 -17.27 -19.79 2.50
N LEU B 102 -16.81 -18.74 1.83
CA LEU B 102 -17.45 -17.41 1.95
C LEU B 102 -18.90 -17.47 1.48
N LEU B 103 -19.12 -18.11 0.33
CA LEU B 103 -20.47 -18.23 -0.21
C LEU B 103 -21.42 -18.92 0.76
N LYS B 104 -20.93 -19.98 1.42
CA LYS B 104 -21.70 -20.62 2.50
C LYS B 104 -22.01 -19.61 3.62
N ALA B 105 -21.01 -18.87 4.07
CA ALA B 105 -21.24 -17.87 5.13
C ALA B 105 -22.26 -16.84 4.69
N ALA B 106 -22.22 -16.43 3.43
CA ALA B 106 -23.22 -15.48 2.92
C ALA B 106 -24.63 -16.08 2.97
N ALA B 107 -24.76 -17.35 2.59
CA ALA B 107 -26.07 -18.02 2.59
C ALA B 107 -26.62 -18.12 4.01
N LEU B 108 -25.76 -18.44 4.96
CA LEU B 108 -26.17 -18.50 6.36
C LEU B 108 -26.57 -17.13 6.91
N MET B 109 -25.79 -16.11 6.55
CA MET B 109 -26.13 -14.74 6.96
C MET B 109 -27.47 -14.29 6.40
N ARG B 110 -27.71 -14.57 5.11
CA ARG B 110 -28.98 -14.19 4.46
C ARG B 110 -30.16 -14.86 5.16
N ARG B 111 -29.97 -16.10 5.60
CA ARG B 111 -31.02 -16.82 6.32
C ARG B 111 -31.30 -16.25 7.70
N ARG B 112 -30.35 -15.49 8.24
CA ARG B 112 -30.51 -14.88 9.56
C ARG B 112 -30.62 -13.37 9.50
N LYS B 113 -30.98 -12.81 8.34
CA LYS B 113 -30.92 -11.37 8.20
C LYS B 113 -31.85 -10.62 9.16
N ARG B 114 -33.08 -11.09 9.36
CA ARG B 114 -34.00 -10.38 10.28
C ARG B 114 -33.46 -10.37 11.71
N GLU B 115 -32.91 -11.49 12.16
CA GLU B 115 -32.31 -11.59 13.52
C GLU B 115 -31.14 -10.62 13.67
N LEU B 116 -30.27 -10.58 12.66
CA LEU B 116 -29.18 -9.59 12.68
C LEU B 116 -29.68 -8.15 12.66
N GLU B 117 -30.66 -7.85 11.82
CA GLU B 117 -31.21 -6.49 11.75
C GLU B 117 -31.80 -6.11 13.12
N ALA B 118 -32.56 -7.03 13.71
CA ALA B 118 -33.17 -6.78 15.05
C ALA B 118 -32.11 -6.55 16.12
N THR B 119 -30.98 -7.26 16.02
CA THR B 119 -29.86 -7.05 16.94
C THR B 119 -29.27 -5.65 16.75
N LEU B 120 -29.11 -5.21 15.49
CA LEU B 120 -28.66 -3.82 15.23
C LEU B 120 -29.61 -2.79 15.83
N VAL B 121 -30.91 -3.02 15.66
CA VAL B 121 -31.93 -2.12 16.22
C VAL B 121 -31.72 -1.94 17.71
N TYR B 122 -31.68 -3.04 18.45
CA TYR B 122 -31.57 -2.99 19.90
C TYR B 122 -30.18 -2.62 20.40
N GLU B 123 -29.13 -3.09 19.72
CA GLU B 123 -27.78 -2.86 20.25
C GLU B 123 -27.19 -1.50 19.89
N VAL B 124 -27.42 -1.01 18.67
CA VAL B 124 -26.79 0.26 18.24
C VAL B 124 -27.80 1.32 17.78
N GLY B 125 -29.08 1.04 17.95
CA GLY B 125 -30.09 2.06 17.74
C GLY B 125 -30.39 2.42 16.29
N LYS B 126 -30.21 1.46 15.37
CA LYS B 126 -30.63 1.64 13.99
C LYS B 126 -32.14 1.46 13.85
N ASN B 127 -32.78 2.32 13.07
CA ASN B 127 -34.15 2.03 12.67
C ASN B 127 -34.14 0.85 11.69
N TRP B 128 -35.32 0.46 11.19
CA TRP B 128 -35.45 -0.80 10.48
C TRP B 128 -34.69 -0.83 9.17
N VAL B 129 -34.84 0.24 8.39
CA VAL B 129 -34.22 0.26 7.07
C VAL B 129 -32.71 0.44 7.20
N GLU B 130 -32.26 1.24 8.18
CA GLU B 130 -30.81 1.39 8.41
C GLU B 130 -30.19 0.05 8.78
N ALA B 131 -30.88 -0.71 9.65
CA ALA B 131 -30.46 -2.06 10.02
C ALA B 131 -30.42 -2.99 8.81
N SER B 132 -31.46 -2.96 7.99
CA SER B 132 -31.51 -3.80 6.78
C SER B 132 -30.36 -3.49 5.83
N ALA B 133 -30.07 -2.20 5.62
CA ALA B 133 -29.00 -1.79 4.71
C ALA B 133 -27.66 -2.31 5.20
N ASP B 134 -27.46 -2.31 6.52
CA ASP B 134 -26.21 -2.71 7.16
C ASP B 134 -26.02 -4.21 6.91
N VAL B 135 -27.03 -5.01 7.24
CA VAL B 135 -26.91 -6.46 7.03
C VAL B 135 -26.75 -6.82 5.54
N ALA B 136 -27.51 -6.15 4.67
CA ALA B 136 -27.45 -6.40 3.22
C ALA B 136 -26.05 -6.10 2.68
N GLU B 137 -25.42 -5.05 3.22
CA GLU B 137 -24.06 -4.71 2.84
C GLU B 137 -23.04 -5.76 3.28
N ALA B 138 -23.21 -6.32 4.47
CA ALA B 138 -22.33 -7.38 4.93
C ALA B 138 -22.42 -8.58 3.98
N ILE B 139 -23.65 -8.98 3.65
CA ILE B 139 -23.90 -10.07 2.70
C ILE B 139 -23.20 -9.76 1.38
N ASP B 140 -23.35 -8.52 0.92
CA ASP B 140 -22.71 -8.08 -0.31
C ASP B 140 -21.20 -8.21 -0.25
N PHE B 141 -20.58 -7.82 0.86
CA PHE B 141 -19.12 -7.95 0.94
C PHE B 141 -18.70 -9.41 0.78
N ILE B 142 -19.43 -10.31 1.42
CA ILE B 142 -19.07 -11.73 1.36
C ILE B 142 -19.21 -12.25 -0.10
N GLU B 143 -20.34 -11.94 -0.74
CA GLU B 143 -20.60 -12.41 -2.11
C GLU B 143 -19.60 -11.80 -3.10
N TYR B 144 -19.32 -10.51 -2.92
CA TYR B 144 -18.42 -9.79 -3.82
C TYR B 144 -16.98 -10.28 -3.65
N TYR B 145 -16.48 -10.35 -2.41
CA TYR B 145 -15.09 -10.78 -2.22
C TYR B 145 -14.89 -12.25 -2.59
N ALA B 146 -15.91 -13.08 -2.38
CA ALA B 146 -15.79 -14.50 -2.80
C ALA B 146 -15.46 -14.58 -4.29
N ARG B 147 -16.16 -13.77 -5.09
CA ARG B 147 -15.98 -13.74 -6.52
C ARG B 147 -14.69 -13.03 -6.93
N ALA B 148 -14.41 -11.89 -6.29
CA ALA B 148 -13.24 -11.07 -6.63
C ALA B 148 -11.94 -11.83 -6.37
N ALA B 149 -11.92 -12.63 -5.30
CA ALA B 149 -10.74 -13.43 -4.94
C ALA B 149 -10.28 -14.37 -6.07
N LEU B 150 -11.25 -14.87 -6.85
CA LEU B 150 -10.90 -15.76 -7.97
C LEU B 150 -10.09 -15.06 -9.06
N ARG B 151 -10.23 -13.73 -9.16
CA ARG B 151 -9.45 -12.95 -10.14
C ARG B 151 -7.95 -12.93 -9.83
N TYR B 152 -7.58 -13.32 -8.61
CA TYR B 152 -6.19 -13.32 -8.17
C TYR B 152 -5.59 -14.73 -8.11
N ARG B 153 -6.33 -15.76 -8.56
CA ARG B 153 -5.90 -17.15 -8.33
C ARG B 153 -4.66 -17.56 -9.16
N TYR B 154 -3.93 -18.53 -8.64
CA TYR B 154 -2.66 -19.01 -9.22
C TYR B 154 -2.75 -19.40 -10.69
N PRO B 155 -1.80 -18.95 -11.53
CA PRO B 155 -0.88 -17.80 -11.40
C PRO B 155 -1.45 -16.57 -12.13
N ALA B 156 -1.77 -15.50 -11.39
CA ALA B 156 -2.62 -14.46 -11.98
C ALA B 156 -1.88 -13.35 -12.74
N VAL B 157 -0.55 -13.27 -12.59
CA VAL B 157 0.15 -12.07 -13.04
C VAL B 157 0.57 -12.17 -14.48
N GLU B 158 0.25 -11.12 -15.24
CA GLU B 158 0.66 -10.97 -16.63
C GLU B 158 2.13 -10.54 -16.74
N VAL B 159 2.96 -11.41 -17.31
CA VAL B 159 4.38 -11.11 -17.42
C VAL B 159 4.83 -11.33 -18.87
N VAL B 160 6.01 -10.81 -19.18
CA VAL B 160 6.62 -10.88 -20.50
C VAL B 160 7.46 -12.16 -20.57
N PRO B 161 7.21 -12.98 -21.59
CA PRO B 161 8.01 -14.21 -21.72
C PRO B 161 9.48 -13.96 -22.07
N TYR B 162 10.29 -14.97 -21.82
CA TYR B 162 11.72 -14.93 -22.13
C TYR B 162 12.11 -16.29 -22.72
N PRO B 163 12.97 -16.31 -23.75
CA PRO B 163 13.35 -17.60 -24.37
C PRO B 163 14.00 -18.59 -23.41
N GLY B 164 13.60 -19.85 -23.52
CA GLY B 164 14.23 -20.97 -22.79
C GLY B 164 13.85 -21.02 -21.32
N GLU B 165 12.82 -20.27 -20.94
CA GLU B 165 12.42 -20.12 -19.54
C GLU B 165 10.93 -20.14 -19.38
N ASP B 166 10.47 -20.66 -18.23
CA ASP B 166 9.14 -20.36 -17.72
C ASP B 166 9.29 -19.26 -16.69
N ASN B 167 8.49 -18.21 -16.85
CA ASN B 167 8.41 -17.15 -15.84
C ASN B 167 7.02 -17.06 -15.28
N GLU B 168 6.90 -17.30 -13.98
CA GLU B 168 5.57 -17.40 -13.36
C GLU B 168 5.48 -16.48 -12.16
N SER B 169 4.61 -15.46 -12.24
CA SER B 169 4.34 -14.61 -11.08
C SER B 169 2.93 -14.86 -10.50
N PHE B 170 2.81 -14.84 -9.19
CA PHE B 170 1.55 -15.23 -8.56
C PHE B 170 1.46 -14.58 -7.19
N TYR B 171 0.23 -14.48 -6.68
CA TYR B 171 -0.01 -13.84 -5.40
C TYR B 171 -0.04 -14.85 -4.29
N VAL B 172 0.42 -14.42 -3.10
CA VAL B 172 0.29 -15.22 -1.89
C VAL B 172 -0.23 -14.31 -0.77
N PRO B 173 -0.99 -14.88 0.19
CA PRO B 173 -1.45 -14.06 1.30
C PRO B 173 -0.30 -13.67 2.22
N LEU B 174 -0.55 -12.67 3.05
CA LEU B 174 0.47 -12.11 3.93
C LEU B 174 0.65 -12.90 5.23
N GLY B 175 -0.42 -13.32 5.86
CA GLY B 175 -0.27 -13.99 7.19
C GLY B 175 -1.44 -13.72 8.10
N ALA B 176 -1.18 -13.66 9.40
CA ALA B 176 -2.22 -13.31 10.39
C ALA B 176 -2.22 -11.81 10.67
N GLY B 177 -3.40 -11.21 10.66
CA GLY B 177 -3.50 -9.78 10.90
C GLY B 177 -4.62 -9.47 11.86
N VAL B 178 -4.73 -8.20 12.23
CA VAL B 178 -5.80 -7.77 13.15
C VAL B 178 -6.79 -6.86 12.43
N VAL B 179 -8.07 -7.08 12.70
CA VAL B 179 -9.14 -6.24 12.18
C VAL B 179 -9.74 -5.52 13.37
N ILE B 180 -9.79 -4.20 13.28
CA ILE B 180 -10.31 -3.35 14.36
C ILE B 180 -11.43 -2.51 13.78
N ALA B 181 -12.64 -2.73 14.28
CA ALA B 181 -13.88 -2.33 13.64
C ALA B 181 -14.69 -1.28 14.42
N PRO B 182 -15.51 -0.47 13.73
CA PRO B 182 -16.29 0.56 14.41
C PRO B 182 -17.68 0.03 14.84
N TRP B 183 -18.39 0.81 15.66
CA TRP B 183 -19.71 0.42 16.14
C TRP B 183 -20.83 0.83 15.19
N ASN B 184 -20.54 1.71 14.23
CA ASN B 184 -21.60 2.31 13.43
C ASN B 184 -22.13 1.42 12.28
N PHE B 185 -21.26 0.59 11.72
CA PHE B 185 -21.69 -0.49 10.80
C PHE B 185 -21.10 -1.79 11.28
N PRO B 186 -21.59 -2.30 12.43
CA PRO B 186 -20.93 -3.42 13.10
C PRO B 186 -21.29 -4.80 12.57
N VAL B 187 -22.15 -4.87 11.55
CA VAL B 187 -22.24 -6.08 10.74
C VAL B 187 -21.48 -5.87 9.41
N ALA B 188 -21.86 -4.85 8.64
CA ALA B 188 -21.26 -4.64 7.30
C ALA B 188 -19.72 -4.47 7.31
N ILE B 189 -19.23 -3.47 8.05
CA ILE B 189 -17.79 -3.15 7.98
C ILE B 189 -16.97 -4.21 8.71
N PHE B 190 -17.50 -4.68 9.84
CA PHE B 190 -16.88 -5.77 10.61
C PHE B 190 -16.71 -6.99 9.67
N THR B 191 -17.78 -7.34 8.95
CA THR B 191 -17.74 -8.52 8.08
C THR B 191 -16.79 -8.32 6.91
N GLY B 192 -16.90 -7.16 6.25
CA GLY B 192 -16.08 -6.85 5.06
C GLY B 192 -14.58 -6.89 5.36
N MET B 193 -14.19 -6.25 6.45
CA MET B 193 -12.79 -6.15 6.82
C MET B 193 -12.18 -7.49 7.20
N ILE B 194 -13.02 -8.41 7.69
CA ILE B 194 -12.58 -9.76 8.02
C ILE B 194 -12.52 -10.63 6.75
N VAL B 195 -13.63 -10.69 6.03
CA VAL B 195 -13.73 -11.69 4.95
C VAL B 195 -12.89 -11.39 3.71
N GLY B 196 -12.61 -10.11 3.44
CA GLY B 196 -11.69 -9.75 2.31
C GLY B 196 -10.30 -10.40 2.46
N PRO B 197 -9.58 -10.05 3.55
CA PRO B 197 -8.26 -10.72 3.81
C PRO B 197 -8.36 -12.24 3.88
N VAL B 198 -9.38 -12.74 4.57
CA VAL B 198 -9.52 -14.20 4.75
C VAL B 198 -9.75 -14.92 3.42
N ALA B 199 -10.53 -14.30 2.54
CA ALA B 199 -10.86 -14.91 1.25
C ALA B 199 -9.62 -15.34 0.46
N VAL B 200 -8.59 -14.50 0.47
CA VAL B 200 -7.36 -14.75 -0.32
C VAL B 200 -6.26 -15.50 0.46
N GLY B 201 -6.60 -15.97 1.67
CA GLY B 201 -5.69 -16.86 2.39
C GLY B 201 -5.04 -16.32 3.65
N ASN B 202 -5.39 -15.10 4.05
CA ASN B 202 -4.95 -14.57 5.34
C ASN B 202 -5.80 -15.12 6.47
N THR B 203 -5.31 -14.96 7.70
CA THR B 203 -6.11 -15.25 8.86
C THR B 203 -6.27 -13.96 9.65
N VAL B 204 -7.31 -13.89 10.48
CA VAL B 204 -7.70 -12.63 11.09
C VAL B 204 -8.07 -12.80 12.58
N ILE B 205 -7.62 -11.81 13.35
CA ILE B 205 -8.07 -11.64 14.72
C ILE B 205 -8.94 -10.40 14.67
N ALA B 206 -10.22 -10.56 14.97
CA ALA B 206 -11.19 -9.47 14.85
C ALA B 206 -11.59 -8.86 16.21
N LYS B 207 -11.46 -7.54 16.31
CA LYS B 207 -11.71 -6.79 17.53
C LYS B 207 -12.90 -5.87 17.28
N PRO B 208 -14.12 -6.31 17.67
CA PRO B 208 -15.30 -5.47 17.42
C PRO B 208 -15.28 -4.25 18.35
N ALA B 209 -16.00 -3.20 17.96
CA ALA B 209 -16.16 -2.04 18.82
C ALA B 209 -16.95 -2.43 20.08
N GLU B 210 -16.56 -1.82 21.19
CA GLU B 210 -17.19 -2.08 22.51
C GLU B 210 -18.72 -1.97 22.51
N ASP B 211 -19.26 -1.01 21.76
CA ASP B 211 -20.70 -0.77 21.70
C ASP B 211 -21.47 -1.79 20.83
N ALA B 212 -20.75 -2.68 20.16
CA ALA B 212 -21.38 -3.62 19.20
C ALA B 212 -20.83 -5.04 19.31
N VAL B 213 -20.46 -5.41 20.52
CA VAL B 213 -19.90 -6.72 20.79
C VAL B 213 -20.87 -7.88 20.55
N VAL B 214 -22.14 -7.69 20.87
CA VAL B 214 -23.15 -8.76 20.72
C VAL B 214 -23.41 -9.11 19.26
N VAL B 215 -23.65 -8.09 18.44
CA VAL B 215 -23.91 -8.35 17.03
C VAL B 215 -22.65 -8.94 16.37
N GLY B 216 -21.48 -8.50 16.82
CA GLY B 216 -20.21 -9.10 16.34
C GLY B 216 -20.12 -10.58 16.64
N ALA B 217 -20.55 -10.96 17.85
CA ALA B 217 -20.59 -12.37 18.26
C ALA B 217 -21.53 -13.17 17.39
N LYS B 218 -22.67 -12.58 17.03
CA LYS B 218 -23.62 -13.27 16.15
C LYS B 218 -23.06 -13.49 14.74
N VAL B 219 -22.26 -12.53 14.26
CA VAL B 219 -21.53 -12.74 13.00
C VAL B 219 -20.59 -13.96 13.11
N PHE B 220 -19.91 -14.06 14.24
CA PHE B 220 -19.07 -15.23 14.51
C PHE B 220 -19.78 -16.57 14.63
N GLU B 221 -21.03 -16.56 15.11
CA GLU B 221 -21.84 -17.76 15.09
C GLU B 221 -22.00 -18.27 13.65
N ILE B 222 -22.19 -17.32 12.74
CA ILE B 222 -22.30 -17.63 11.31
C ILE B 222 -20.98 -18.22 10.76
N PHE B 223 -19.86 -17.56 11.07
CA PHE B 223 -18.55 -18.08 10.64
C PHE B 223 -18.30 -19.49 11.18
N HIS B 224 -18.68 -19.72 12.45
CA HIS B 224 -18.51 -21.04 13.06
C HIS B 224 -19.37 -22.08 12.35
N GLU B 225 -20.62 -21.74 12.07
CA GLU B 225 -21.51 -22.68 11.38
C GLU B 225 -21.05 -22.95 9.95
N ALA B 226 -20.48 -21.93 9.29
CA ALA B 226 -19.98 -22.09 7.91
C ALA B 226 -18.79 -23.06 7.86
N GLY B 227 -18.07 -23.11 8.97
CA GLY B 227 -17.00 -24.09 9.13
C GLY B 227 -15.63 -23.59 8.71
N PHE B 228 -15.35 -22.30 8.89
CA PHE B 228 -13.97 -21.84 8.76
C PHE B 228 -13.05 -22.69 9.65
N PRO B 229 -11.92 -23.17 9.11
CA PRO B 229 -11.02 -24.00 9.93
C PRO B 229 -10.56 -23.27 11.20
N PRO B 230 -10.26 -24.01 12.27
CA PRO B 230 -9.90 -23.36 13.52
C PRO B 230 -8.73 -22.39 13.35
N GLY B 231 -8.86 -21.18 13.90
CA GLY B 231 -7.80 -20.17 13.85
C GLY B 231 -7.86 -19.23 12.66
N VAL B 232 -8.67 -19.57 11.66
CA VAL B 232 -8.78 -18.72 10.46
C VAL B 232 -9.42 -17.38 10.79
N VAL B 233 -10.51 -17.40 11.57
CA VAL B 233 -11.13 -16.17 12.09
C VAL B 233 -11.29 -16.28 13.62
N ASN B 234 -10.96 -15.20 14.32
CA ASN B 234 -10.98 -15.19 15.79
C ASN B 234 -11.67 -13.92 16.26
N PHE B 235 -12.42 -14.03 17.34
CA PHE B 235 -13.30 -12.96 17.83
C PHE B 235 -12.82 -12.53 19.20
N LEU B 236 -12.33 -11.29 19.32
CA LEU B 236 -11.75 -10.78 20.57
C LEU B 236 -12.39 -9.46 20.98
N PRO B 237 -13.66 -9.50 21.46
CA PRO B 237 -14.20 -8.29 22.05
C PRO B 237 -13.31 -7.85 23.21
N GLY B 238 -13.15 -6.54 23.36
CA GLY B 238 -12.25 -6.01 24.37
C GLY B 238 -12.05 -4.53 24.14
N VAL B 239 -11.21 -3.94 24.98
CA VAL B 239 -11.02 -2.49 24.98
C VAL B 239 -9.99 -2.08 23.91
N GLY B 240 -10.37 -1.13 23.07
CA GLY B 240 -9.53 -0.68 21.94
C GLY B 240 -8.11 -0.35 22.35
N GLU B 241 -7.97 0.57 23.31
CA GLU B 241 -6.64 1.00 23.74
C GLU B 241 -5.88 -0.08 24.52
N GLU B 242 -6.53 -1.19 24.85
CA GLU B 242 -5.83 -2.29 25.51
C GLU B 242 -5.46 -3.37 24.51
N VAL B 243 -6.39 -4.30 24.28
CA VAL B 243 -6.17 -5.42 23.36
C VAL B 243 -5.95 -4.98 21.91
N GLY B 244 -6.68 -3.96 21.48
CA GLY B 244 -6.51 -3.41 20.12
C GLY B 244 -5.09 -2.90 19.90
N ALA B 245 -4.64 -2.01 20.79
CA ALA B 245 -3.30 -1.45 20.69
C ALA B 245 -2.21 -2.49 20.83
N TYR B 246 -2.44 -3.47 21.71
CA TYR B 246 -1.49 -4.58 21.93
C TYR B 246 -1.24 -5.33 20.62
N LEU B 247 -2.31 -5.64 19.91
CA LEU B 247 -2.18 -6.32 18.61
C LEU B 247 -1.55 -5.42 17.53
N VAL B 248 -1.98 -4.16 17.46
CA VAL B 248 -1.38 -3.20 16.52
C VAL B 248 0.15 -3.13 16.68
N GLU B 249 0.61 -3.09 17.93
CA GLU B 249 2.03 -2.90 18.23
C GLU B 249 2.85 -4.18 18.19
N HIS B 250 2.18 -5.33 18.06
CA HIS B 250 2.82 -6.63 18.20
C HIS B 250 3.77 -6.93 17.04
N PRO B 251 4.97 -7.50 17.32
CA PRO B 251 5.90 -7.84 16.24
C PRO B 251 5.42 -8.95 15.32
N ARG B 252 4.43 -9.74 15.75
CA ARG B 252 3.94 -10.87 14.96
C ARG B 252 2.60 -10.60 14.29
N ILE B 253 2.16 -9.34 14.29
CA ILE B 253 0.97 -8.98 13.55
C ILE B 253 1.41 -8.51 12.16
N ARG B 254 0.90 -9.14 11.11
CA ARG B 254 1.41 -8.89 9.75
C ARG B 254 0.78 -7.66 9.10
N PHE B 255 -0.50 -7.45 9.38
CA PHE B 255 -1.25 -6.33 8.81
C PHE B 255 -2.33 -5.88 9.77
N ILE B 256 -2.74 -4.62 9.61
CA ILE B 256 -3.84 -4.06 10.39
C ILE B 256 -4.88 -3.49 9.45
N ASN B 257 -6.12 -3.91 9.66
CA ASN B 257 -7.23 -3.38 8.89
C ASN B 257 -8.13 -2.66 9.88
N PHE B 258 -8.14 -1.33 9.78
CA PHE B 258 -8.83 -0.48 10.72
C PHE B 258 -9.85 0.43 10.05
N THR B 259 -11.03 0.52 10.65
CA THR B 259 -12.00 1.55 10.29
C THR B 259 -12.49 2.22 11.59
N GLY B 260 -12.38 3.53 11.66
CA GLY B 260 -12.73 4.23 12.89
C GLY B 260 -12.36 5.68 12.84
N SER B 261 -12.17 6.28 14.01
CA SER B 261 -11.90 7.73 14.08
C SER B 261 -10.49 8.05 13.59
N LEU B 262 -10.33 9.29 13.12
CA LEU B 262 -9.01 9.79 12.73
C LEU B 262 -8.03 9.73 13.91
N GLU B 263 -8.49 10.13 15.09
CA GLU B 263 -7.62 10.15 16.28
C GLU B 263 -6.93 8.80 16.44
N VAL B 264 -7.71 7.73 16.39
CA VAL B 264 -7.18 6.39 16.56
C VAL B 264 -6.40 5.94 15.30
N GLY B 265 -6.92 6.23 14.11
CA GLY B 265 -6.25 5.88 12.86
C GLY B 265 -4.83 6.42 12.77
N LEU B 266 -4.64 7.65 13.25
CA LEU B 266 -3.32 8.27 13.27
C LEU B 266 -2.33 7.50 14.15
N LYS B 267 -2.79 7.09 15.34
CA LYS B 267 -1.96 6.31 16.27
C LYS B 267 -1.59 4.95 15.67
N ILE B 268 -2.57 4.33 15.00
CA ILE B 268 -2.39 2.99 14.43
C ILE B 268 -1.38 3.07 13.27
N TYR B 269 -1.56 4.05 12.40
CA TYR B 269 -0.67 4.20 11.25
C TYR B 269 0.76 4.53 11.70
N GLU B 270 0.88 5.35 12.75
CA GLU B 270 2.20 5.66 13.27
C GLU B 270 2.85 4.41 13.84
N ALA B 271 2.10 3.68 14.67
CA ALA B 271 2.59 2.45 15.29
C ALA B 271 2.98 1.40 14.23
N ALA B 272 2.20 1.33 13.15
CA ALA B 272 2.45 0.35 12.08
C ALA B 272 3.77 0.60 11.37
N GLY B 273 4.21 1.86 11.37
CA GLY B 273 5.47 2.23 10.71
C GLY B 273 6.71 1.87 11.48
N ARG B 274 6.52 1.45 12.74
CA ARG B 274 7.63 1.06 13.63
C ARG B 274 7.98 -0.42 13.56
N LEU B 275 9.27 -0.72 13.66
CA LEU B 275 9.69 -2.12 13.73
C LEU B 275 9.71 -2.52 15.20
N ALA B 276 8.71 -3.31 15.61
CA ALA B 276 8.65 -3.80 17.00
C ALA B 276 9.83 -4.74 17.24
N PRO B 277 10.31 -4.84 18.50
CA PRO B 277 11.44 -5.73 18.72
C PRO B 277 11.18 -7.13 18.21
N GLY B 278 12.07 -7.64 17.36
CA GLY B 278 11.96 -8.98 16.78
C GLY B 278 11.10 -9.11 15.54
N GLN B 279 10.45 -8.02 15.14
CA GLN B 279 9.56 -8.00 13.95
C GLN B 279 10.40 -8.22 12.69
N THR B 280 9.87 -8.99 11.74
CA THR B 280 10.66 -9.35 10.55
C THR B 280 9.98 -8.98 9.23
N TRP B 281 9.15 -7.94 9.27
CA TRP B 281 8.49 -7.41 8.07
C TRP B 281 8.11 -5.96 8.28
N PHE B 282 7.73 -5.31 7.18
CA PHE B 282 7.17 -3.98 7.19
C PHE B 282 5.67 -4.19 7.25
N LYS B 283 5.04 -3.76 8.35
CA LYS B 283 3.59 -3.95 8.53
C LYS B 283 2.83 -3.12 7.52
N ARG B 284 1.74 -3.71 7.00
CA ARG B 284 0.76 -2.97 6.24
C ARG B 284 -0.36 -2.56 7.17
N ALA B 285 -0.78 -1.30 7.08
CA ALA B 285 -1.91 -0.81 7.86
C ALA B 285 -2.83 -0.07 6.93
N TYR B 286 -4.09 -0.46 6.96
CA TYR B 286 -5.12 0.23 6.19
C TYR B 286 -6.03 0.89 7.18
N VAL B 287 -6.17 2.20 7.04
CA VAL B 287 -6.92 2.98 8.04
C VAL B 287 -7.95 3.81 7.30
N GLU B 288 -9.23 3.57 7.58
CA GLU B 288 -10.27 4.30 6.90
C GLU B 288 -10.94 5.09 8.00
N THR B 289 -10.84 6.40 7.87
N THR B 289 -10.89 6.42 7.89
CA THR B 289 -11.08 7.28 8.99
CA THR B 289 -10.97 7.28 9.10
C THR B 289 -12.30 8.15 8.67
C THR B 289 -11.93 8.50 9.16
N GLY B 290 -12.38 9.31 9.30
N GLY B 290 -13.15 8.35 8.64
CA GLY B 290 -13.63 10.05 9.26
CA GLY B 290 -14.18 9.40 8.80
C GLY B 290 -13.83 10.87 8.01
C GLY B 290 -14.19 10.49 7.73
N GLY B 291 -14.96 11.57 7.97
CA GLY B 291 -15.15 12.61 6.95
C GLY B 291 -15.74 13.86 7.53
N LYS B 292 -15.68 14.95 6.77
CA LYS B 292 -16.51 16.13 7.07
C LYS B 292 -17.19 16.43 5.74
N ASP B 293 -18.22 15.67 5.45
CA ASP B 293 -18.73 15.58 4.08
C ASP B 293 -19.76 16.65 3.77
N ALA B 294 -19.64 17.22 2.57
CA ALA B 294 -20.53 18.31 2.13
C ALA B 294 -21.39 17.89 0.97
N ILE B 295 -22.61 18.45 0.94
CA ILE B 295 -23.40 18.54 -0.26
C ILE B 295 -23.44 20.00 -0.70
N ILE B 296 -23.09 20.22 -1.97
CA ILE B 296 -23.24 21.53 -2.62
C ILE B 296 -24.57 21.56 -3.36
N VAL B 297 -25.31 22.66 -3.24
CA VAL B 297 -26.50 22.84 -4.07
C VAL B 297 -26.39 24.20 -4.75
N ASP B 298 -26.54 24.23 -6.08
CA ASP B 298 -26.54 25.53 -6.79
C ASP B 298 -27.93 25.93 -7.24
N GLU B 299 -28.06 27.11 -7.85
CA GLU B 299 -29.39 27.65 -8.11
C GLU B 299 -30.13 26.95 -9.26
N THR B 300 -29.46 26.03 -9.94
CA THR B 300 -30.04 25.28 -11.06
C THR B 300 -30.71 23.97 -10.63
N ALA B 301 -30.52 23.61 -9.37
CA ALA B 301 -30.93 22.30 -8.85
C ALA B 301 -32.43 22.15 -8.72
N ASP B 302 -32.88 20.90 -8.63
CA ASP B 302 -34.24 20.59 -8.21
C ASP B 302 -34.20 20.72 -6.68
N PHE B 303 -34.77 21.81 -6.16
CA PHE B 303 -34.61 22.14 -4.72
C PHE B 303 -35.29 21.13 -3.79
N ASP B 304 -36.42 20.60 -4.22
CA ASP B 304 -37.11 19.55 -3.46
C ASP B 304 -36.33 18.25 -3.42
N LEU B 305 -35.79 17.86 -4.57
CA LEU B 305 -34.96 16.65 -4.61
C LEU B 305 -33.73 16.85 -3.71
N ALA B 306 -33.10 18.00 -3.84
CA ALA B 306 -31.93 18.33 -3.01
C ALA B 306 -32.25 18.27 -1.51
N ALA B 307 -33.36 18.89 -1.13
CA ALA B 307 -33.73 18.92 0.29
C ALA B 307 -33.93 17.52 0.86
N GLU B 308 -34.60 16.66 0.09
CA GLU B 308 -34.81 15.26 0.49
C GLU B 308 -33.46 14.52 0.63
N GLY B 309 -32.59 14.67 -0.37
CA GLY B 309 -31.26 14.01 -0.32
C GLY B 309 -30.39 14.47 0.84
N VAL B 310 -30.46 15.76 1.13
CA VAL B 310 -29.71 16.36 2.23
C VAL B 310 -30.17 15.79 3.57
N VAL B 311 -31.48 15.75 3.78
CA VAL B 311 -32.04 15.24 5.02
C VAL B 311 -31.73 13.76 5.24
N VAL B 312 -31.88 12.97 4.18
CA VAL B 312 -31.47 11.55 4.23
C VAL B 312 -29.97 11.46 4.58
N SER B 313 -29.14 12.24 3.88
CA SER B 313 -27.69 12.17 4.07
C SER B 313 -27.22 12.65 5.43
N ALA B 314 -27.86 13.71 5.94
CA ALA B 314 -27.45 14.32 7.21
C ALA B 314 -27.93 13.55 8.45
N TYR B 315 -29.14 12.98 8.36
CA TYR B 315 -29.78 12.44 9.56
C TYR B 315 -30.03 10.94 9.55
N GLY B 316 -29.76 10.28 8.42
CA GLY B 316 -29.75 8.80 8.37
C GLY B 316 -28.85 8.23 9.46
N PHE B 317 -29.37 7.25 10.22
CA PHE B 317 -28.69 6.74 11.43
C PHE B 317 -28.12 7.87 12.30
N GLN B 318 -28.91 8.93 12.47
CA GLN B 318 -28.59 10.01 13.41
C GLN B 318 -27.30 10.73 13.04
N GLY B 319 -26.94 10.68 11.76
CA GLY B 319 -25.67 11.29 11.29
C GLY B 319 -24.40 10.58 11.72
N GLN B 320 -24.52 9.37 12.25
CA GLN B 320 -23.37 8.61 12.75
C GLN B 320 -22.79 7.77 11.61
N LYS B 321 -22.43 8.42 10.53
CA LYS B 321 -21.88 7.76 9.35
C LYS B 321 -20.67 8.55 8.91
N CYS B 322 -19.62 7.85 8.51
CA CYS B 322 -18.46 8.50 7.96
C CYS B 322 -18.81 9.22 6.66
N SER B 323 -19.90 8.79 6.04
CA SER B 323 -20.40 9.35 4.78
C SER B 323 -21.43 10.46 4.95
N ALA B 324 -21.83 10.73 6.19
CA ALA B 324 -22.97 11.62 6.48
C ALA B 324 -22.74 13.04 5.99
N ALA B 325 -23.76 13.68 5.43
CA ALA B 325 -23.63 15.10 5.06
C ALA B 325 -23.69 15.90 6.34
N SER B 326 -22.54 16.48 6.71
CA SER B 326 -22.47 17.34 7.90
C SER B 326 -22.32 18.79 7.51
N ARG B 327 -22.09 19.05 6.22
CA ARG B 327 -22.01 20.42 5.72
C ARG B 327 -22.95 20.54 4.54
N LEU B 328 -23.67 21.65 4.49
CA LEU B 328 -24.53 21.95 3.36
C LEU B 328 -24.08 23.29 2.80
N ILE B 329 -23.50 23.24 1.60
CA ILE B 329 -22.90 24.42 1.00
C ILE B 329 -23.83 24.93 -0.07
N LEU B 330 -24.39 26.12 0.16
CA LEU B 330 -25.40 26.68 -0.74
C LEU B 330 -24.91 27.93 -1.43
N THR B 331 -25.02 27.96 -2.76
CA THR B 331 -24.71 29.19 -3.50
C THR B 331 -25.82 30.22 -3.22
N GLN B 332 -25.55 31.49 -3.50
CA GLN B 332 -26.47 32.59 -3.19
C GLN B 332 -27.90 32.31 -3.62
N GLY B 333 -28.08 31.93 -4.88
CA GLY B 333 -29.40 31.67 -5.46
C GLY B 333 -30.11 30.46 -4.90
N ALA B 334 -29.36 29.52 -4.36
CA ALA B 334 -29.91 28.30 -3.78
C ALA B 334 -30.20 28.46 -2.30
N TYR B 335 -29.61 29.46 -1.66
CA TYR B 335 -29.62 29.52 -0.20
C TYR B 335 -31.01 29.47 0.46
N GLU B 336 -31.86 30.47 0.20
CA GLU B 336 -33.18 30.51 0.85
C GLU B 336 -34.08 29.34 0.45
N PRO B 337 -34.21 29.06 -0.87
CA PRO B 337 -35.12 28.00 -1.30
C PRO B 337 -34.75 26.64 -0.73
N VAL B 338 -33.46 26.33 -0.69
CA VAL B 338 -33.03 25.01 -0.21
C VAL B 338 -33.10 24.94 1.31
N LEU B 339 -32.61 25.99 1.99
CA LEU B 339 -32.65 25.99 3.45
C LEU B 339 -34.09 25.88 4.00
N GLU B 340 -35.02 26.64 3.42
CA GLU B 340 -36.44 26.58 3.85
C GLU B 340 -36.99 25.15 3.71
N ARG B 341 -36.66 24.50 2.60
CA ARG B 341 -37.10 23.12 2.33
C ARG B 341 -36.46 22.10 3.27
N VAL B 342 -35.16 22.25 3.52
CA VAL B 342 -34.46 21.38 4.46
C VAL B 342 -35.05 21.54 5.88
N LEU B 343 -35.28 22.78 6.29
CA LEU B 343 -35.87 23.00 7.62
C LEU B 343 -37.25 22.39 7.76
N LYS B 344 -38.10 22.57 6.74
CA LYS B 344 -39.45 22.01 6.72
C LYS B 344 -39.43 20.49 6.84
N ARG B 345 -38.57 19.86 6.06
CA ARG B 345 -38.42 18.39 6.08
C ARG B 345 -37.85 17.90 7.41
N ALA B 346 -36.78 18.54 7.88
CA ALA B 346 -36.11 18.08 9.09
C ALA B 346 -36.98 18.25 10.33
N GLU B 347 -37.82 19.27 10.34
CA GLU B 347 -38.66 19.53 11.51
C GLU B 347 -39.74 18.46 11.66
N ARG B 348 -40.07 17.78 10.57
CA ARG B 348 -41.03 16.67 10.58
C ARG B 348 -40.45 15.30 10.95
N LEU B 349 -39.14 15.21 11.16
CA LEU B 349 -38.51 13.92 11.45
C LEU B 349 -38.81 13.44 12.86
N SER B 350 -39.18 12.17 12.99
CA SER B 350 -39.44 11.61 14.32
C SER B 350 -38.16 11.09 15.00
N VAL B 351 -38.14 11.15 16.33
CA VAL B 351 -37.01 10.64 17.10
C VAL B 351 -37.56 9.83 18.25
N GLY B 352 -37.09 8.60 18.39
CA GLY B 352 -37.51 7.80 19.51
C GLY B 352 -36.86 6.43 19.53
N PRO B 353 -37.37 5.52 20.37
CA PRO B 353 -36.79 4.18 20.47
C PRO B 353 -36.68 3.55 19.06
N ALA B 354 -35.50 3.02 18.75
CA ALA B 354 -35.21 2.51 17.39
C ALA B 354 -36.17 1.44 16.90
N GLU B 355 -36.62 0.56 17.81
CA GLU B 355 -37.54 -0.52 17.43
C GLU B 355 -38.87 -0.07 16.87
N GLU B 356 -39.27 1.18 17.15
CA GLU B 356 -40.51 1.72 16.58
C GLU B 356 -40.34 2.28 15.16
N ASN B 357 -39.14 2.07 14.60
CA ASN B 357 -38.79 2.55 13.26
C ASN B 357 -39.02 4.05 13.11
N PRO B 358 -38.42 4.86 14.01
CA PRO B 358 -38.53 6.30 13.86
C PRO B 358 -37.61 6.73 12.73
N ASP B 359 -37.71 7.99 12.32
CA ASP B 359 -36.72 8.55 11.38
C ASP B 359 -35.34 8.54 12.01
N LEU B 360 -35.27 8.89 13.31
CA LEU B 360 -34.03 8.83 14.07
C LEU B 360 -34.21 8.03 15.35
N GLY B 361 -33.30 7.08 15.60
CA GLY B 361 -33.17 6.47 16.93
C GLY B 361 -32.28 7.35 17.81
N PRO B 362 -31.71 6.76 18.88
CA PRO B 362 -30.79 7.49 19.74
C PRO B 362 -29.37 7.47 19.16
N VAL B 363 -28.51 8.38 19.62
CA VAL B 363 -27.07 8.15 19.40
C VAL B 363 -26.62 6.96 20.24
N VAL B 364 -25.41 6.44 20.02
CA VAL B 364 -25.13 5.08 20.42
C VAL B 364 -24.83 4.89 21.92
N SER B 365 -24.42 5.95 22.59
CA SER B 365 -23.89 5.81 23.95
C SER B 365 -23.90 7.14 24.66
N ALA B 366 -23.74 7.08 25.98
CA ALA B 366 -23.64 8.26 26.81
C ALA B 366 -22.45 9.10 26.36
N GLU B 367 -21.36 8.45 25.98
CA GLU B 367 -20.19 9.19 25.51
C GLU B 367 -20.48 9.93 24.22
N GLN B 368 -21.15 9.27 23.28
CA GLN B 368 -21.53 9.93 22.04
C GLN B 368 -22.48 11.09 22.30
N GLU B 369 -23.43 10.88 23.19
CA GLU B 369 -24.35 11.95 23.55
C GLU B 369 -23.60 13.18 24.08
N ARG B 370 -22.64 12.94 24.97
CA ARG B 370 -21.81 14.00 25.55
C ARG B 370 -21.02 14.73 24.46
N LYS B 371 -20.43 13.96 23.54
CA LYS B 371 -19.65 14.55 22.44
C LYS B 371 -20.53 15.43 21.55
N VAL B 372 -21.70 14.90 21.14
CA VAL B 372 -22.59 15.65 20.26
C VAL B 372 -23.14 16.90 20.95
N LEU B 373 -23.58 16.75 22.20
CA LEU B 373 -24.04 17.92 22.94
C LEU B 373 -22.95 18.97 23.13
N SER B 374 -21.70 18.54 23.32
CA SER B 374 -20.59 19.50 23.44
C SER B 374 -20.35 20.27 22.14
N TYR B 375 -20.46 19.58 21.01
CA TYR B 375 -20.35 20.25 19.71
C TYR B 375 -21.50 21.22 19.45
N ILE B 376 -22.69 20.88 19.93
CA ILE B 376 -23.84 21.78 19.84
C ILE B 376 -23.53 23.08 20.61
N GLU B 377 -22.93 22.95 21.80
CA GLU B 377 -22.52 24.14 22.55
C GLU B 377 -21.49 25.00 21.80
N ILE B 378 -20.50 24.34 21.19
CA ILE B 378 -19.50 25.03 20.37
C ILE B 378 -20.19 25.74 19.20
N GLY B 379 -21.08 25.02 18.52
CA GLY B 379 -21.82 25.57 17.39
C GLY B 379 -22.60 26.83 17.71
N LYS B 380 -23.20 26.88 18.91
CA LYS B 380 -23.96 28.05 19.32
C LYS B 380 -23.07 29.29 19.36
N ASN B 381 -21.77 29.06 19.54
CA ASN B 381 -20.79 30.15 19.56
C ASN B 381 -20.24 30.52 18.20
N GLU B 382 -20.45 29.67 17.19
CA GLU B 382 -19.83 29.84 15.88
C GLU B 382 -20.82 30.18 14.79
N GLY B 383 -22.00 29.57 14.85
CA GLY B 383 -23.05 29.83 13.86
C GLY B 383 -24.37 30.16 14.56
N GLN B 384 -25.46 30.09 13.81
CA GLN B 384 -26.78 30.36 14.36
C GLN B 384 -27.60 29.08 14.44
N LEU B 385 -28.00 28.71 15.64
CA LEU B 385 -28.88 27.56 15.80
C LEU B 385 -30.27 27.89 15.27
N VAL B 386 -30.75 27.11 14.29
CA VAL B 386 -32.10 27.35 13.74
C VAL B 386 -33.08 26.19 13.88
N LEU B 387 -32.56 25.02 14.24
CA LEU B 387 -33.40 23.86 14.50
C LEU B 387 -32.73 22.89 15.46
N GLY B 388 -33.55 22.32 16.36
CA GLY B 388 -33.07 21.26 17.29
C GLY B 388 -32.04 21.76 18.28
N GLY B 389 -30.93 21.05 18.41
CA GLY B 389 -29.87 21.43 19.32
C GLY B 389 -30.12 21.03 20.77
N LYS B 390 -30.99 20.05 20.97
CA LYS B 390 -31.44 19.65 22.31
C LYS B 390 -31.50 18.15 22.45
N ARG B 391 -31.16 17.68 23.65
CA ARG B 391 -31.50 16.34 24.10
C ARG B 391 -33.02 16.24 24.20
N LEU B 392 -33.57 15.07 23.86
CA LEU B 392 -35.01 14.84 23.97
C LEU B 392 -35.31 13.90 25.12
N GLU B 393 -36.54 13.97 25.62
CA GLU B 393 -36.91 13.28 26.85
C GLU B 393 -36.79 11.75 26.79
N GLY B 394 -36.27 11.16 27.86
CA GLY B 394 -36.23 9.71 28.01
C GLY B 394 -34.82 9.30 28.34
N GLU B 395 -34.67 8.10 28.90
CA GLU B 395 -33.35 7.60 29.27
C GLU B 395 -32.48 7.39 28.03
N GLY B 396 -33.11 6.94 26.94
CA GLY B 396 -32.42 6.79 25.64
C GLY B 396 -31.72 8.07 25.19
N TYR B 397 -30.66 7.93 24.39
CA TYR B 397 -29.81 9.06 24.02
C TYR B 397 -30.34 9.80 22.78
N PHE B 398 -31.57 10.31 22.92
CA PHE B 398 -32.30 10.97 21.84
C PHE B 398 -31.85 12.42 21.69
N ILE B 399 -31.39 12.76 20.50
CA ILE B 399 -30.96 14.12 20.18
C ILE B 399 -31.72 14.57 18.93
N ALA B 400 -32.28 15.77 19.00
CA ALA B 400 -33.08 16.29 17.90
C ALA B 400 -32.21 16.60 16.69
N PRO B 401 -32.76 16.38 15.46
CA PRO B 401 -32.10 16.86 14.24
C PRO B 401 -31.76 18.34 14.38
N THR B 402 -30.50 18.69 14.15
CA THR B 402 -29.97 20.02 14.42
C THR B 402 -29.40 20.68 13.16
N VAL B 403 -29.71 21.97 12.99
CA VAL B 403 -29.20 22.79 11.91
C VAL B 403 -28.59 24.10 12.46
N PHE B 404 -27.34 24.35 12.08
CA PHE B 404 -26.70 25.66 12.27
C PHE B 404 -26.56 26.33 10.92
N THR B 405 -26.85 27.63 10.86
CA THR B 405 -26.67 28.42 9.64
C THR B 405 -25.62 29.51 9.88
N GLU B 406 -25.26 30.18 8.79
CA GLU B 406 -24.27 31.27 8.84
C GLU B 406 -22.99 30.80 9.51
N VAL B 407 -22.62 29.55 9.21
CA VAL B 407 -21.45 28.93 9.79
C VAL B 407 -20.24 29.33 8.93
N PRO B 408 -19.19 29.90 9.56
CA PRO B 408 -17.92 30.16 8.87
C PRO B 408 -17.24 28.85 8.45
N PRO B 409 -16.75 28.78 7.20
CA PRO B 409 -16.07 27.58 6.71
C PRO B 409 -14.94 27.04 7.61
N LYS B 410 -14.28 27.91 8.37
CA LYS B 410 -13.20 27.48 9.26
C LYS B 410 -13.65 27.28 10.71
N ALA B 411 -14.96 27.38 10.96
CA ALA B 411 -15.49 27.05 12.29
C ALA B 411 -15.23 25.59 12.66
N ARG B 412 -15.09 25.32 13.95
CA ARG B 412 -14.89 23.96 14.41
C ARG B 412 -16.01 23.03 13.93
N ILE B 413 -17.25 23.50 13.98
CA ILE B 413 -18.39 22.67 13.53
C ILE B 413 -18.40 22.48 12.01
N ALA B 414 -17.60 23.29 11.31
CA ALA B 414 -17.46 23.17 9.85
C ALA B 414 -16.21 22.38 9.45
N GLN B 415 -15.44 21.95 10.44
CA GLN B 415 -14.15 21.29 10.20
C GLN B 415 -14.03 19.93 10.86
N GLU B 416 -14.64 19.78 12.04
CA GLU B 416 -14.44 18.60 12.88
C GLU B 416 -15.62 17.65 12.76
N GLU B 417 -15.32 16.36 12.75
CA GLU B 417 -16.37 15.35 12.62
C GLU B 417 -17.14 15.21 13.93
N ILE B 418 -18.40 15.63 13.90
CA ILE B 418 -19.29 15.59 15.08
C ILE B 418 -19.92 14.19 15.26
N PHE B 419 -20.25 13.56 14.13
CA PHE B 419 -20.77 12.21 14.13
C PHE B 419 -22.12 12.14 14.85
N GLY B 420 -22.95 13.16 14.65
CA GLY B 420 -24.30 13.19 15.21
C GLY B 420 -25.20 13.94 14.27
N PRO B 421 -26.49 14.10 14.64
CA PRO B 421 -27.47 14.71 13.74
C PRO B 421 -27.34 16.24 13.71
N VAL B 422 -26.18 16.71 13.25
CA VAL B 422 -25.87 18.14 13.27
C VAL B 422 -25.38 18.58 11.90
N LEU B 423 -26.19 19.42 11.25
CA LEU B 423 -25.88 19.94 9.91
C LEU B 423 -25.45 21.40 9.97
N SER B 424 -24.32 21.70 9.33
CA SER B 424 -23.77 23.05 9.30
C SER B 424 -24.02 23.62 7.91
N VAL B 425 -24.72 24.75 7.85
CA VAL B 425 -25.09 25.36 6.56
C VAL B 425 -24.18 26.55 6.28
N ILE B 426 -23.58 26.55 5.09
CA ILE B 426 -22.57 27.53 4.70
C ILE B 426 -23.01 28.21 3.42
N ARG B 427 -23.11 29.53 3.45
CA ARG B 427 -23.51 30.30 2.29
C ARG B 427 -22.29 30.72 1.49
N VAL B 428 -22.32 30.50 0.17
CA VAL B 428 -21.18 30.91 -0.68
C VAL B 428 -21.68 31.67 -1.89
N LYS B 429 -20.77 32.37 -2.57
CA LYS B 429 -21.13 33.27 -3.66
C LYS B 429 -21.58 32.50 -4.91
N ASP B 430 -20.78 31.51 -5.30
CA ASP B 430 -20.99 30.81 -6.56
C ASP B 430 -20.41 29.39 -6.48
N PHE B 431 -20.49 28.66 -7.59
CA PHE B 431 -20.03 27.26 -7.61
C PHE B 431 -18.54 27.13 -7.33
N ALA B 432 -17.72 28.04 -7.89
CA ALA B 432 -16.27 28.00 -7.64
C ALA B 432 -15.96 28.08 -6.14
N GLU B 433 -16.61 29.03 -5.47
CA GLU B 433 -16.41 29.18 -4.03
C GLU B 433 -16.97 27.98 -3.27
N ALA B 434 -18.06 27.44 -3.76
CA ALA B 434 -18.63 26.20 -3.20
C ALA B 434 -17.61 25.07 -3.22
N LEU B 435 -16.91 24.90 -4.34
CA LEU B 435 -15.87 23.88 -4.43
C LEU B 435 -14.69 24.19 -3.52
N GLU B 436 -14.30 25.46 -3.44
CA GLU B 436 -13.22 25.85 -2.53
C GLU B 436 -13.55 25.47 -1.07
N VAL B 437 -14.77 25.77 -0.66
CA VAL B 437 -15.21 25.49 0.71
C VAL B 437 -15.34 23.98 0.92
N ALA B 438 -15.86 23.29 -0.10
CA ALA B 438 -15.99 21.82 -0.04
C ALA B 438 -14.63 21.19 0.21
N ASN B 439 -13.62 21.64 -0.53
CA ASN B 439 -12.27 21.05 -0.46
C ASN B 439 -11.45 21.43 0.77
N ASP B 440 -11.79 22.54 1.40
CA ASP B 440 -10.97 23.08 2.48
C ASP B 440 -11.34 22.50 3.84
N THR B 441 -11.10 21.19 3.97
CA THR B 441 -11.13 20.48 5.24
C THR B 441 -9.94 19.50 5.18
N PRO B 442 -9.58 18.90 6.33
CA PRO B 442 -8.50 17.89 6.28
C PRO B 442 -8.98 16.55 5.68
N TYR B 443 -10.27 16.45 5.37
CA TYR B 443 -10.90 15.18 5.01
C TYR B 443 -11.18 15.09 3.52
N GLY B 444 -11.66 13.94 3.07
CA GLY B 444 -12.03 13.80 1.65
C GLY B 444 -12.72 12.49 1.37
N LEU B 445 -13.80 12.21 2.12
CA LEU B 445 -14.47 10.90 2.02
C LEU B 445 -15.63 10.95 1.04
N THR B 446 -16.76 11.53 1.44
CA THR B 446 -17.88 11.66 0.52
C THR B 446 -18.24 13.12 0.25
N GLY B 447 -18.99 13.31 -0.83
CA GLY B 447 -19.39 14.64 -1.23
C GLY B 447 -20.52 14.50 -2.20
N GLY B 448 -21.29 15.58 -2.36
CA GLY B 448 -22.42 15.57 -3.27
C GLY B 448 -22.66 16.91 -3.91
N VAL B 449 -23.25 16.88 -5.09
CA VAL B 449 -23.65 18.11 -5.79
C VAL B 449 -25.06 17.93 -6.29
N TYR B 450 -25.94 18.85 -5.91
CA TYR B 450 -27.23 18.96 -6.58
C TYR B 450 -27.18 20.14 -7.54
N SER B 451 -27.43 19.87 -8.82
CA SER B 451 -27.29 20.84 -9.91
C SER B 451 -27.82 20.24 -11.21
N ARG B 452 -28.45 21.05 -12.04
CA ARG B 452 -28.78 20.60 -13.39
C ARG B 452 -27.75 21.06 -14.41
N LYS B 453 -26.79 21.90 -14.00
CA LYS B 453 -25.82 22.44 -14.95
C LYS B 453 -24.72 21.42 -15.22
N ARG B 454 -24.62 20.94 -16.46
CA ARG B 454 -23.63 19.88 -16.81
C ARG B 454 -22.19 20.27 -16.47
N GLU B 455 -21.86 21.52 -16.76
CA GLU B 455 -20.53 22.03 -16.57
C GLU B 455 -20.13 22.06 -15.09
N HIS B 456 -21.10 22.28 -14.21
CA HIS B 456 -20.84 22.27 -12.76
C HIS B 456 -20.63 20.84 -12.28
N LEU B 457 -21.49 19.91 -12.71
CA LEU B 457 -21.29 18.50 -12.36
C LEU B 457 -19.92 17.98 -12.85
N GLU B 458 -19.59 18.25 -14.11
CA GLU B 458 -18.33 17.72 -14.65
C GLU B 458 -17.10 18.39 -14.03
N TRP B 459 -17.23 19.67 -13.70
CA TRP B 459 -16.21 20.39 -12.91
C TRP B 459 -16.00 19.72 -11.54
N ALA B 460 -17.10 19.37 -10.86
CA ALA B 460 -16.99 18.67 -9.58
C ALA B 460 -16.36 17.27 -9.74
N ARG B 461 -16.71 16.59 -10.83
CA ARG B 461 -16.13 15.28 -11.11
C ARG B 461 -14.62 15.37 -11.10
N ARG B 462 -14.08 16.45 -11.66
CA ARG B 462 -12.64 16.66 -11.75
C ARG B 462 -12.02 17.27 -10.49
N GLU B 463 -12.77 18.08 -9.76
CA GLU B 463 -12.17 18.95 -8.71
C GLU B 463 -12.70 18.90 -7.26
N PHE B 464 -13.86 18.28 -7.06
CA PHE B 464 -14.42 18.10 -5.71
C PHE B 464 -13.68 16.85 -5.20
N HIS B 465 -12.65 17.08 -4.38
CA HIS B 465 -11.65 16.06 -4.04
C HIS B 465 -12.08 15.16 -2.89
N VAL B 466 -12.99 14.23 -3.22
CA VAL B 466 -13.49 13.23 -2.28
C VAL B 466 -13.46 11.88 -2.99
N GLY B 467 -13.33 10.80 -2.22
CA GLY B 467 -13.21 9.48 -2.81
C GLY B 467 -14.50 8.95 -3.38
N ASN B 468 -15.62 9.46 -2.83
CA ASN B 468 -16.95 9.03 -3.24
C ASN B 468 -17.83 10.23 -3.43
N LEU B 469 -18.10 10.53 -4.69
CA LEU B 469 -18.83 11.72 -5.09
C LEU B 469 -20.16 11.33 -5.73
N TYR B 470 -21.24 12.03 -5.38
CA TYR B 470 -22.57 11.67 -5.87
C TYR B 470 -23.29 12.89 -6.40
N PHE B 471 -23.92 12.73 -7.57
CA PHE B 471 -24.65 13.84 -8.20
C PHE B 471 -26.15 13.59 -8.19
N ASN B 472 -26.87 14.56 -7.61
CA ASN B 472 -28.34 14.59 -7.56
C ASN B 472 -28.97 13.37 -6.87
N ARG B 473 -28.32 12.95 -5.78
CA ARG B 473 -28.77 11.88 -4.92
C ARG B 473 -28.02 11.95 -3.59
N LYS B 474 -28.48 11.17 -2.63
CA LYS B 474 -27.86 11.10 -1.31
C LYS B 474 -26.38 10.69 -1.41
N ILE B 475 -25.59 11.10 -0.42
CA ILE B 475 -24.15 10.81 -0.44
C ILE B 475 -23.76 9.67 0.49
N THR B 476 -24.77 9.06 1.10
CA THR B 476 -24.57 7.91 1.98
C THR B 476 -24.98 6.64 1.23
N GLY B 477 -24.73 5.50 1.83
CA GLY B 477 -25.26 4.21 1.32
C GLY B 477 -24.54 3.67 0.10
N ALA B 478 -23.24 3.91 0.01
CA ALA B 478 -22.41 3.34 -1.09
C ALA B 478 -22.64 1.84 -1.17
N LEU B 479 -22.90 1.32 -2.36
CA LEU B 479 -23.20 -0.10 -2.52
C LEU B 479 -21.95 -0.84 -2.95
N VAL B 480 -21.71 -1.98 -2.29
CA VAL B 480 -20.61 -2.88 -2.67
C VAL B 480 -20.64 -3.15 -4.18
N GLY B 481 -19.46 -3.06 -4.81
CA GLY B 481 -19.33 -3.39 -6.25
C GLY B 481 -19.64 -2.18 -7.13
N VAL B 482 -20.70 -1.47 -6.78
CA VAL B 482 -21.18 -0.34 -7.57
C VAL B 482 -20.29 0.90 -7.32
N GLN B 483 -20.03 1.17 -6.04
CA GLN B 483 -19.32 2.38 -5.64
C GLN B 483 -18.18 2.01 -4.72
N PRO B 484 -17.00 1.70 -5.29
CA PRO B 484 -15.83 1.43 -4.46
C PRO B 484 -15.71 2.50 -3.37
N PHE B 485 -15.58 2.09 -2.10
CA PHE B 485 -15.75 3.06 -1.01
C PHE B 485 -14.44 3.36 -0.26
N GLY B 486 -14.09 4.63 -0.17
CA GLY B 486 -12.89 5.01 0.58
C GLY B 486 -12.43 6.36 0.11
N GLY B 487 -11.75 7.09 0.99
CA GLY B 487 -11.49 8.51 0.73
C GLY B 487 -10.06 8.91 0.49
N PHE B 488 -9.86 10.24 0.53
CA PHE B 488 -8.59 10.88 0.30
C PHE B 488 -8.20 11.60 1.57
N LYS B 489 -6.95 12.04 1.61
CA LYS B 489 -6.45 12.93 2.68
C LYS B 489 -6.63 12.26 4.03
N LEU B 490 -7.10 12.99 5.05
CA LEU B 490 -7.22 12.35 6.37
C LEU B 490 -8.48 11.51 6.57
N SER B 491 -9.19 11.24 5.48
CA SER B 491 -10.25 10.21 5.47
C SER B 491 -9.69 8.79 5.34
N GLY B 492 -8.37 8.67 5.18
CA GLY B 492 -7.73 7.36 5.30
C GLY B 492 -6.79 7.01 4.17
N THR B 493 -6.54 5.71 4.01
CA THR B 493 -5.52 5.25 3.08
C THR B 493 -6.10 4.89 1.69
N ASN B 494 -7.39 5.17 1.46
CA ASN B 494 -8.01 4.91 0.15
C ASN B 494 -8.06 3.41 -0.17
N ALA B 495 -8.19 2.57 0.86
CA ALA B 495 -8.43 1.16 0.64
C ALA B 495 -9.87 1.02 0.18
N LYS B 496 -10.08 0.83 -1.12
CA LYS B 496 -11.44 0.86 -1.66
C LYS B 496 -12.19 -0.43 -1.40
N THR B 497 -13.11 -0.40 -0.45
CA THR B 497 -13.91 -1.56 -0.10
C THR B 497 -14.95 -1.82 -1.17
N GLY B 498 -15.33 -3.09 -1.31
CA GLY B 498 -16.34 -3.49 -2.31
C GLY B 498 -15.81 -3.30 -3.73
N ALA B 499 -14.51 -3.47 -3.90
CA ALA B 499 -13.88 -3.29 -5.20
C ALA B 499 -12.78 -4.34 -5.37
N LEU B 500 -12.50 -4.69 -6.63
CA LEU B 500 -11.47 -5.69 -6.96
C LEU B 500 -10.14 -5.35 -6.31
N ASP B 501 -9.81 -4.06 -6.30
CA ASP B 501 -8.53 -3.58 -5.76
C ASP B 501 -8.35 -3.89 -4.27
N TYR B 502 -9.45 -4.02 -3.53
CA TYR B 502 -9.37 -4.24 -2.09
C TYR B 502 -8.51 -5.44 -1.74
N LEU B 503 -8.69 -6.55 -2.47
CA LEU B 503 -8.04 -7.81 -2.08
C LEU B 503 -6.53 -7.80 -2.33
N ARG B 504 -6.10 -7.02 -3.31
CA ARG B 504 -4.68 -6.88 -3.62
C ARG B 504 -3.90 -6.33 -2.41
N LEU B 505 -4.57 -5.55 -1.57
CA LEU B 505 -3.95 -5.00 -0.37
C LEU B 505 -3.50 -6.08 0.61
N PHE B 506 -4.07 -7.27 0.47
CA PHE B 506 -3.80 -8.36 1.41
C PHE B 506 -3.02 -9.50 0.76
N LEU B 507 -2.30 -9.15 -0.30
CA LEU B 507 -1.51 -10.10 -1.07
C LEU B 507 -0.12 -9.52 -1.31
N GLU B 508 0.85 -10.41 -1.46
CA GLU B 508 2.18 -10.04 -1.95
C GLU B 508 2.47 -10.94 -3.17
N MET B 509 3.44 -10.56 -3.97
CA MET B 509 3.70 -11.26 -5.23
C MET B 509 5.05 -11.94 -5.22
N LYS B 510 5.10 -13.15 -5.77
CA LYS B 510 6.33 -13.90 -5.94
C LYS B 510 6.52 -14.14 -7.44
N ALA B 511 7.76 -14.06 -7.90
CA ALA B 511 8.11 -14.29 -9.31
C ALA B 511 9.11 -15.41 -9.33
N VAL B 512 8.79 -16.49 -10.05
CA VAL B 512 9.64 -17.69 -10.07
C VAL B 512 10.01 -18.05 -11.51
N ALA B 513 11.30 -18.04 -11.82
CA ALA B 513 11.80 -18.35 -13.17
C ALA B 513 12.47 -19.72 -13.17
N GLU B 514 12.15 -20.55 -14.17
CA GLU B 514 12.93 -21.78 -14.36
C GLU B 514 13.60 -21.75 -15.72
N ARG B 515 14.93 -21.86 -15.73
CA ARG B 515 15.67 -21.94 -16.98
C ARG B 515 15.83 -23.42 -17.34
N PHE B 516 15.24 -23.83 -18.46
CA PHE B 516 15.22 -25.26 -18.82
C PHE B 516 16.53 -25.76 -19.41
#